data_2C5B
#
_entry.id   2C5B
#
_cell.length_a   76.153
_cell.length_b   129.669
_cell.length_c   183.165
_cell.angle_alpha   90.00
_cell.angle_beta   90.00
_cell.angle_gamma   90.00
#
_symmetry.space_group_name_H-M   'C 2 2 21'
#
loop_
_entity.id
_entity.type
_entity.pdbx_description
1 polymer "5'-FLUORO-5'-DEOXYADENOSINE SYNTHASE"
2 non-polymer METHIONINE
3 non-polymer "5'-FLUORO-2',5'-DIDEOXYADENOSINE"
4 water water
#
_entity_poly.entity_id   1
_entity_poly.type   'polypeptide(L)'
_entity_poly.pdbx_seq_one_letter_code
;MAANSTRRPIIAFMSDLGTTDDSVAQCKGLMYSICPDVTVVDVCHSMTPWDVEEGARYIVDLPRFFPEGTVFATTTYPAT
GTTTRSVAVRIKQAAKGGARGQWAGSGAGFERAEGSYIYIAPNNGLLTTVLEEHGYLEAYEVTSPKVIPEQPEPTFYSRE
MVAIPSAHLAAGFPLSEVGRPLEDHEIVRFNRPAVEQDGEALVGVVSAIDHPFGNVWTNIHRTDLEKAGIGYGARLRLTL
DGVLPFEAPLTPTFADAGEIGNIAIYLNSRGYLSIARNAASLAYPYHLKEGMSARVEAR
;
_entity_poly.pdbx_strand_id   A,B,C
#
# COMPACT_ATOMS: atom_id res chain seq x y z
N ARG A 8 -10.74 -21.27 2.35
CA ARG A 8 -9.69 -20.24 2.03
C ARG A 8 -9.96 -19.45 0.72
N PRO A 9 -11.21 -18.97 0.51
CA PRO A 9 -11.48 -18.21 -0.71
C PRO A 9 -10.71 -16.88 -0.75
N ILE A 10 -10.18 -16.53 -1.92
CA ILE A 10 -9.35 -15.33 -2.08
C ILE A 10 -9.94 -14.35 -3.09
N ILE A 11 -9.88 -13.07 -2.76
CA ILE A 11 -10.14 -12.00 -3.73
C ILE A 11 -8.89 -11.17 -4.00
N ALA A 12 -8.51 -11.12 -5.27
CA ALA A 12 -7.44 -10.26 -5.75
C ALA A 12 -8.10 -9.01 -6.28
N PHE A 13 -7.76 -7.87 -5.67
CA PHE A 13 -8.45 -6.60 -5.94
C PHE A 13 -7.53 -5.62 -6.68
N MET A 14 -7.96 -5.20 -7.88
CA MET A 14 -7.25 -4.22 -8.70
C MET A 14 -8.19 -3.07 -9.00
N SER A 15 -7.79 -1.85 -8.61
CA SER A 15 -8.60 -0.68 -8.93
C SER A 15 -7.77 0.57 -9.28
N ASP A 16 -8.50 1.66 -9.54
CA ASP A 16 -7.95 2.99 -9.70
C ASP A 16 -8.26 3.90 -8.51
N LEU A 17 -8.66 3.31 -7.40
CA LEU A 17 -9.11 4.08 -6.21
C LEU A 17 -8.02 4.74 -5.39
N GLY A 18 -6.77 4.28 -5.53
CA GLY A 18 -5.68 4.83 -4.75
C GLY A 18 -5.62 4.42 -3.29
N THR A 19 -4.54 4.83 -2.62
CA THR A 19 -4.28 4.38 -1.26
C THR A 19 -4.27 5.54 -0.25
N THR A 20 -4.78 6.69 -0.64
CA THR A 20 -4.59 7.91 0.14
C THR A 20 -5.79 8.21 1.03
N ASP A 21 -6.92 7.64 0.65
CA ASP A 21 -8.16 7.76 1.39
C ASP A 21 -8.68 6.35 1.71
N ASP A 22 -9.86 6.29 2.30
CA ASP A 22 -10.46 5.03 2.76
C ASP A 22 -11.28 4.23 1.73
N SER A 23 -11.33 4.68 0.48
CA SER A 23 -12.18 4.07 -0.55
C SER A 23 -12.05 2.55 -0.65
N VAL A 24 -10.81 2.09 -0.76
CA VAL A 24 -10.46 0.68 -0.86
C VAL A 24 -10.82 -0.07 0.43
N ALA A 25 -10.69 0.60 1.58
CA ALA A 25 -11.02 -0.04 2.86
C ALA A 25 -12.49 -0.40 2.86
N GLN A 26 -13.30 0.45 2.23
CA GLN A 26 -14.74 0.33 2.35
C GLN A 26 -15.11 -0.96 1.67
N CYS A 27 -14.68 -1.10 0.41
CA CYS A 27 -14.96 -2.29 -0.39
C CYS A 27 -14.50 -3.52 0.43
N LYS A 28 -13.29 -3.43 0.99
CA LYS A 28 -12.70 -4.47 1.85
C LYS A 28 -13.61 -4.87 3.01
N GLY A 29 -14.17 -3.88 3.70
CA GLY A 29 -15.09 -4.16 4.80
C GLY A 29 -16.28 -4.96 4.30
N LEU A 30 -16.82 -4.53 3.16
CA LEU A 30 -18.02 -5.14 2.61
C LEU A 30 -17.69 -6.55 2.17
N MET A 31 -16.44 -6.73 1.72
CA MET A 31 -15.91 -8.03 1.32
C MET A 31 -15.78 -8.98 2.50
N TYR A 32 -15.21 -8.49 3.60
CA TYR A 32 -15.15 -9.28 4.83
C TYR A 32 -16.52 -9.55 5.44
N SER A 33 -17.45 -8.61 5.20
CA SER A 33 -18.80 -8.74 5.71
C SER A 33 -19.58 -9.76 4.90
N ILE A 34 -19.46 -9.70 3.58
CA ILE A 34 -20.21 -10.63 2.72
C ILE A 34 -19.65 -12.06 2.83
N CYS A 35 -18.32 -12.18 2.86
CA CYS A 35 -17.69 -13.49 2.87
C CYS A 35 -16.60 -13.63 3.96
N PRO A 36 -16.99 -13.98 5.21
CA PRO A 36 -16.06 -13.89 6.35
C PRO A 36 -14.74 -14.67 6.22
N ASP A 37 -14.78 -15.83 5.56
CA ASP A 37 -13.55 -16.61 5.32
C ASP A 37 -12.60 -16.05 4.27
N VAL A 38 -13.05 -15.04 3.51
CA VAL A 38 -12.26 -14.49 2.41
C VAL A 38 -10.88 -13.96 2.87
N THR A 39 -9.88 -14.09 1.99
CA THR A 39 -8.64 -13.33 2.07
C THR A 39 -8.62 -12.33 0.91
N VAL A 40 -8.41 -11.06 1.23
CA VAL A 40 -8.41 -10.02 0.22
C VAL A 40 -6.98 -9.69 -0.16
N VAL A 41 -6.67 -9.87 -1.43
CA VAL A 41 -5.32 -9.57 -1.93
C VAL A 41 -5.39 -8.37 -2.86
N ASP A 42 -4.79 -7.28 -2.40
CA ASP A 42 -4.56 -6.12 -3.26
C ASP A 42 -3.64 -6.54 -4.40
N VAL A 43 -4.08 -6.34 -5.64
CA VAL A 43 -3.15 -6.34 -6.77
C VAL A 43 -2.46 -4.99 -6.75
N CYS A 44 -3.22 -3.93 -6.98
CA CYS A 44 -2.73 -2.56 -6.87
C CYS A 44 -3.88 -1.56 -7.13
N HIS A 45 -3.70 -0.32 -6.69
CA HIS A 45 -4.75 0.68 -6.84
C HIS A 45 -4.25 2.02 -7.39
N SER A 46 -3.15 2.00 -8.16
CA SER A 46 -2.50 3.22 -8.63
C SER A 46 -2.69 3.46 -10.11
N MET A 47 -3.41 2.58 -10.77
CA MET A 47 -3.52 2.64 -12.20
C MET A 47 -4.07 4.00 -12.67
N THR A 48 -3.46 4.56 -13.71
CA THR A 48 -3.93 5.81 -14.29
C THR A 48 -5.45 5.73 -14.49
N PRO A 49 -6.20 6.56 -13.77
CA PRO A 49 -7.66 6.54 -13.73
C PRO A 49 -8.30 6.53 -15.12
N TRP A 50 -9.41 5.81 -15.25
CA TRP A 50 -10.17 5.74 -16.50
C TRP A 50 -9.42 5.06 -17.66
N ASP A 51 -8.23 4.55 -17.39
CA ASP A 51 -7.36 3.98 -18.41
C ASP A 51 -7.59 2.47 -18.49
N VAL A 52 -8.53 2.05 -19.33
CA VAL A 52 -8.80 0.64 -19.44
C VAL A 52 -7.57 -0.08 -19.93
N GLU A 53 -6.84 0.56 -20.85
CA GLU A 53 -5.66 -0.06 -21.46
C GLU A 53 -4.58 -0.40 -20.44
N GLU A 54 -4.22 0.55 -19.58
CA GLU A 54 -3.18 0.31 -18.57
C GLU A 54 -3.71 -0.63 -17.50
N GLY A 55 -5.02 -0.66 -17.36
CA GLY A 55 -5.66 -1.47 -16.34
C GLY A 55 -5.42 -2.89 -16.73
N ALA A 56 -5.72 -3.16 -18.00
CA ALA A 56 -5.62 -4.48 -18.57
C ALA A 56 -4.32 -5.16 -18.19
N ARG A 57 -3.20 -4.49 -18.43
CA ARG A 57 -1.88 -5.08 -18.20
C ARG A 57 -1.63 -5.49 -16.75
N TYR A 58 -2.34 -4.89 -15.81
CA TYR A 58 -2.24 -5.29 -14.40
C TYR A 58 -3.11 -6.50 -14.01
N ILE A 59 -3.95 -7.01 -14.91
CA ILE A 59 -4.85 -8.10 -14.49
C ILE A 59 -4.75 -9.40 -15.27
N VAL A 60 -4.14 -9.35 -16.44
CA VAL A 60 -4.09 -10.43 -17.43
C VAL A 60 -3.13 -11.59 -17.07
N ASP A 61 -2.09 -11.29 -16.32
CA ASP A 61 -1.08 -12.30 -16.05
C ASP A 61 -1.32 -12.99 -14.71
N LEU A 62 -2.36 -12.58 -13.99
CA LEU A 62 -2.56 -13.02 -12.63
C LEU A 62 -2.98 -14.49 -12.44
N PRO A 63 -3.88 -15.00 -13.29
CA PRO A 63 -4.48 -16.31 -12.99
C PRO A 63 -3.53 -17.40 -12.50
N ARG A 64 -2.44 -17.65 -13.23
CA ARG A 64 -1.54 -18.79 -12.95
C ARG A 64 -0.87 -18.71 -11.59
N PHE A 65 -0.76 -17.51 -11.05
CA PHE A 65 -0.15 -17.31 -9.74
C PHE A 65 -1.06 -17.69 -8.58
N PHE A 66 -2.37 -17.78 -8.86
CA PHE A 66 -3.36 -17.84 -7.80
C PHE A 66 -4.01 -19.19 -7.61
N PRO A 67 -4.35 -19.51 -6.34
CA PRO A 67 -5.12 -20.71 -6.06
C PRO A 67 -6.39 -20.79 -6.90
N GLU A 68 -6.66 -21.98 -7.41
CA GLU A 68 -7.89 -22.23 -8.16
C GLU A 68 -9.09 -21.78 -7.32
N GLY A 69 -10.05 -21.12 -7.98
CA GLY A 69 -11.24 -20.59 -7.32
C GLY A 69 -11.16 -19.10 -7.04
N THR A 70 -9.99 -18.51 -7.31
CA THR A 70 -9.75 -17.10 -7.00
C THR A 70 -10.67 -16.23 -7.81
N VAL A 71 -11.16 -15.15 -7.20
CA VAL A 71 -12.07 -14.23 -7.85
C VAL A 71 -11.35 -12.92 -8.06
N PHE A 72 -11.37 -12.44 -9.30
CA PHE A 72 -10.62 -11.24 -9.66
C PHE A 72 -11.51 -10.01 -9.76
N ALA A 73 -11.41 -9.14 -8.78
CA ALA A 73 -12.17 -7.91 -8.80
C ALA A 73 -11.27 -6.85 -9.39
N THR A 74 -11.63 -6.36 -10.57
CA THR A 74 -10.81 -5.42 -11.34
C THR A 74 -11.67 -4.29 -11.92
N THR A 75 -11.35 -3.06 -11.53
CA THR A 75 -12.24 -1.95 -11.81
C THR A 75 -11.58 -0.58 -12.01
N THR A 76 -11.74 -0.01 -13.21
CA THR A 76 -11.89 1.44 -13.34
C THR A 76 -13.29 1.63 -13.88
N TYR A 77 -14.04 2.54 -13.29
CA TYR A 77 -15.47 2.67 -13.61
C TYR A 77 -15.89 4.11 -13.98
N PRO A 78 -15.31 4.69 -15.04
CA PRO A 78 -15.68 6.05 -15.48
C PRO A 78 -17.16 6.24 -15.85
N ALA A 79 -17.87 5.15 -16.12
CA ALA A 79 -19.30 5.13 -16.42
C ALA A 79 -20.18 4.87 -15.17
N THR A 80 -19.58 5.08 -13.99
CA THR A 80 -20.26 4.93 -12.69
C THR A 80 -21.57 5.72 -12.61
N GLY A 81 -22.60 5.11 -12.04
CA GLY A 81 -23.87 5.82 -11.89
C GLY A 81 -24.84 5.77 -13.05
N THR A 82 -24.39 5.29 -14.20
CA THR A 82 -25.28 5.15 -15.36
C THR A 82 -25.93 3.77 -15.33
N THR A 83 -26.52 3.38 -16.44
CA THR A 83 -27.25 2.14 -16.47
C THR A 83 -26.32 1.03 -16.90
N THR A 84 -25.03 1.33 -17.00
CA THR A 84 -24.07 0.29 -17.37
C THR A 84 -24.12 -0.76 -16.29
N ARG A 85 -23.65 -1.97 -16.59
CA ARG A 85 -23.59 -3.03 -15.56
C ARG A 85 -22.37 -3.87 -15.76
N SER A 86 -21.78 -4.31 -14.65
CA SER A 86 -20.58 -5.14 -14.69
C SER A 86 -20.78 -6.43 -15.47
N VAL A 87 -19.65 -7.02 -15.85
CA VAL A 87 -19.59 -8.33 -16.52
C VAL A 87 -18.87 -9.36 -15.64
N ALA A 88 -19.39 -10.59 -15.62
CA ALA A 88 -18.84 -11.64 -14.77
C ALA A 88 -18.54 -12.92 -15.54
N VAL A 89 -17.27 -13.31 -15.55
CA VAL A 89 -16.79 -14.35 -16.44
C VAL A 89 -15.83 -15.37 -15.80
N ARG A 90 -16.09 -16.65 -16.06
CA ARG A 90 -15.13 -17.72 -15.81
C ARG A 90 -14.26 -17.87 -17.05
N ILE A 91 -12.95 -17.70 -16.86
CA ILE A 91 -12.04 -17.82 -17.97
C ILE A 91 -11.72 -19.27 -18.29
N LYS A 92 -11.45 -19.55 -19.55
CA LYS A 92 -11.06 -20.90 -19.95
C LYS A 92 -9.66 -21.24 -19.44
N GLN A 93 -8.64 -20.96 -20.25
CA GLN A 93 -7.27 -21.43 -19.98
C GLN A 93 -6.61 -20.54 -18.97
N ALA A 94 -6.25 -21.13 -17.83
CA ALA A 94 -5.43 -20.43 -16.82
C ALA A 94 -4.23 -19.76 -17.44
N ALA A 95 -3.58 -20.46 -18.36
CA ALA A 95 -2.52 -19.92 -19.24
C ALA A 95 -1.14 -19.79 -18.62
N LYS A 96 -0.18 -20.48 -19.25
CA LYS A 96 1.24 -20.24 -18.99
C LYS A 96 1.62 -18.80 -19.36
N GLY A 97 2.80 -18.39 -18.90
CA GLY A 97 3.33 -17.08 -19.23
C GLY A 97 4.80 -16.98 -18.85
N GLY A 98 5.27 -15.75 -18.69
CA GLY A 98 6.67 -15.49 -18.49
C GLY A 98 7.38 -15.32 -19.83
N ALA A 99 8.71 -15.31 -19.75
CA ALA A 99 9.57 -15.10 -20.92
C ALA A 99 9.79 -16.40 -21.70
N ARG A 100 9.67 -17.54 -21.01
CA ARG A 100 9.74 -18.86 -21.66
C ARG A 100 8.36 -19.44 -21.95
N GLY A 101 7.37 -19.03 -21.17
CA GLY A 101 6.08 -19.72 -21.17
C GLY A 101 6.17 -21.02 -20.35
N GLN A 102 5.63 -20.96 -19.12
CA GLN A 102 5.70 -22.06 -18.17
C GLN A 102 4.64 -21.82 -17.10
N TRP A 103 4.26 -22.87 -16.35
CA TRP A 103 3.46 -22.69 -15.13
C TRP A 103 4.25 -21.98 -14.02
N ALA A 104 3.53 -21.42 -13.04
CA ALA A 104 4.17 -20.64 -11.99
C ALA A 104 4.48 -21.49 -10.75
N GLY A 105 5.64 -21.26 -10.14
CA GLY A 105 5.95 -21.85 -8.85
C GLY A 105 7.14 -22.78 -8.86
N SER A 106 7.38 -23.45 -7.74
CA SER A 106 8.53 -24.36 -7.58
C SER A 106 8.37 -25.65 -8.37
N GLY A 107 9.49 -26.27 -8.69
CA GLY A 107 9.49 -27.41 -9.58
C GLY A 107 9.09 -27.00 -10.98
N ALA A 108 8.20 -27.79 -11.58
CA ALA A 108 7.69 -27.52 -12.91
C ALA A 108 6.52 -26.53 -12.81
N GLY A 109 6.39 -25.92 -11.65
CA GLY A 109 5.29 -25.00 -11.40
C GLY A 109 4.00 -25.74 -11.14
N PHE A 110 2.97 -24.99 -10.78
CA PHE A 110 1.69 -25.54 -10.47
C PHE A 110 0.83 -25.41 -11.70
N GLU A 111 0.27 -26.52 -12.15
CA GLU A 111 -0.60 -26.45 -13.33
C GLU A 111 -1.97 -26.18 -12.78
N ARG A 112 -2.72 -25.35 -13.48
CA ARG A 112 -4.01 -24.90 -12.97
C ARG A 112 -5.12 -25.41 -13.88
N ALA A 113 -6.09 -26.11 -13.28
CA ALA A 113 -7.19 -26.69 -14.02
C ALA A 113 -7.89 -25.61 -14.81
N GLU A 114 -8.64 -26.04 -15.83
CA GLU A 114 -9.35 -25.10 -16.70
C GLU A 114 -10.65 -24.59 -16.07
N GLY A 115 -10.93 -23.30 -16.30
CA GLY A 115 -12.22 -22.71 -15.90
C GLY A 115 -12.30 -22.45 -14.42
N SER A 116 -11.22 -21.92 -13.86
CA SER A 116 -11.01 -21.97 -12.43
C SER A 116 -10.93 -20.59 -11.77
N TYR A 117 -11.04 -19.55 -12.60
CA TYR A 117 -10.98 -18.18 -12.08
C TYR A 117 -12.14 -17.45 -12.63
N ILE A 118 -12.56 -16.44 -11.88
CA ILE A 118 -13.65 -15.61 -12.32
C ILE A 118 -13.17 -14.18 -12.17
N TYR A 119 -13.38 -13.40 -13.23
CA TYR A 119 -13.11 -11.98 -13.24
C TYR A 119 -14.42 -11.23 -13.12
N ILE A 120 -14.41 -10.20 -12.29
CA ILE A 120 -15.56 -9.31 -12.25
C ILE A 120 -15.07 -7.88 -12.44
N ALA A 121 -15.73 -7.17 -13.35
CA ALA A 121 -15.21 -5.88 -13.79
C ALA A 121 -16.27 -5.10 -14.51
N PRO A 122 -16.07 -3.77 -14.60
CA PRO A 122 -16.83 -2.97 -15.51
C PRO A 122 -16.87 -3.66 -16.87
N ASN A 123 -18.02 -3.65 -17.53
CA ASN A 123 -18.05 -4.04 -18.94
C ASN A 123 -17.69 -2.85 -19.84
N ASN A 124 -16.44 -2.42 -19.76
CA ASN A 124 -15.95 -1.25 -20.53
C ASN A 124 -14.66 -1.60 -21.28
N GLY A 125 -14.44 -2.90 -21.44
CA GLY A 125 -13.24 -3.38 -22.10
C GLY A 125 -12.07 -3.59 -21.17
N LEU A 126 -12.28 -3.52 -19.86
CA LEU A 126 -11.16 -3.82 -18.96
C LEU A 126 -10.59 -5.22 -19.20
N LEU A 127 -11.46 -6.16 -19.55
CA LEU A 127 -11.06 -7.55 -19.64
C LEU A 127 -10.55 -7.94 -21.02
N THR A 128 -10.57 -7.00 -21.97
CA THR A 128 -10.22 -7.34 -23.37
C THR A 128 -9.09 -8.39 -23.52
N THR A 129 -7.95 -8.12 -22.89
CA THR A 129 -6.73 -8.94 -23.03
C THR A 129 -6.81 -10.26 -22.24
N VAL A 130 -7.42 -10.19 -21.06
CA VAL A 130 -7.75 -11.37 -20.25
C VAL A 130 -8.58 -12.37 -21.08
N LEU A 131 -9.58 -11.84 -21.79
CA LEU A 131 -10.39 -12.64 -22.71
C LEU A 131 -9.57 -13.20 -23.89
N GLU A 132 -8.80 -12.37 -24.59
CA GLU A 132 -7.96 -12.90 -25.68
C GLU A 132 -6.93 -13.95 -25.23
N GLU A 133 -6.37 -13.80 -24.04
CA GLU A 133 -5.26 -14.65 -23.64
C GLU A 133 -5.69 -15.87 -22.84
N HIS A 134 -6.81 -15.75 -22.13
CA HIS A 134 -7.33 -16.86 -21.34
C HIS A 134 -8.60 -17.47 -21.89
N GLY A 135 -9.26 -16.79 -22.82
CA GLY A 135 -10.57 -17.22 -23.32
C GLY A 135 -11.58 -17.36 -22.19
N TYR A 136 -12.80 -17.76 -22.51
CA TYR A 136 -13.79 -17.91 -21.46
C TYR A 136 -14.85 -18.96 -21.65
N LEU A 137 -15.38 -19.44 -20.52
CA LEU A 137 -16.37 -20.51 -20.51
C LEU A 137 -17.81 -19.99 -20.45
N GLU A 138 -18.01 -18.94 -19.66
CA GLU A 138 -19.33 -18.32 -19.47
C GLU A 138 -19.27 -16.88 -18.95
N ALA A 139 -20.31 -16.12 -19.33
CA ALA A 139 -20.30 -14.67 -19.20
C ALA A 139 -21.69 -14.14 -18.85
N TYR A 140 -21.79 -13.47 -17.71
CA TYR A 140 -23.08 -12.94 -17.28
C TYR A 140 -23.00 -11.47 -16.91
N GLU A 141 -24.12 -10.79 -17.11
CA GLU A 141 -24.28 -9.42 -16.74
C GLU A 141 -24.67 -9.35 -15.26
N VAL A 142 -24.05 -8.46 -14.49
CA VAL A 142 -24.22 -8.43 -13.03
C VAL A 142 -25.36 -7.49 -12.66
N THR A 143 -26.53 -8.08 -12.45
CA THR A 143 -27.78 -7.35 -12.25
C THR A 143 -28.58 -7.72 -10.99
N SER A 144 -28.32 -8.88 -10.39
CA SER A 144 -29.20 -9.38 -9.32
C SER A 144 -29.01 -8.67 -7.97
N PRO A 145 -30.11 -8.16 -7.37
CA PRO A 145 -30.06 -7.38 -6.13
C PRO A 145 -29.54 -8.20 -4.95
N LYS A 146 -29.42 -9.51 -5.14
CA LYS A 146 -28.80 -10.38 -4.14
C LYS A 146 -27.28 -10.24 -4.14
N VAL A 147 -26.73 -9.71 -5.24
CA VAL A 147 -25.28 -9.54 -5.37
C VAL A 147 -24.84 -8.10 -5.60
N ILE A 148 -25.76 -7.23 -5.98
CA ILE A 148 -25.44 -5.81 -6.03
C ILE A 148 -26.47 -5.06 -5.21
N PRO A 149 -26.09 -3.86 -4.70
CA PRO A 149 -27.04 -2.99 -3.99
C PRO A 149 -28.29 -2.61 -4.81
N GLU A 150 -29.45 -2.57 -4.14
CA GLU A 150 -30.67 -2.07 -4.73
C GLU A 150 -30.55 -0.60 -5.13
N GLN A 151 -29.88 0.19 -4.31
CA GLN A 151 -29.69 1.61 -4.64
C GLN A 151 -28.20 1.95 -4.67
N PRO A 152 -27.53 1.63 -5.78
CA PRO A 152 -26.07 1.80 -5.86
C PRO A 152 -25.65 3.27 -5.73
N GLU A 153 -24.65 3.52 -4.90
CA GLU A 153 -23.94 4.81 -4.86
C GLU A 153 -23.58 5.23 -6.26
N PRO A 154 -24.19 6.32 -6.74
CA PRO A 154 -23.98 6.75 -8.13
C PRO A 154 -22.52 6.91 -8.52
N THR A 155 -21.71 7.54 -7.68
CA THR A 155 -20.30 7.78 -8.05
C THR A 155 -19.31 6.70 -7.60
N PHE A 156 -19.79 5.59 -7.03
CA PHE A 156 -18.89 4.57 -6.49
C PHE A 156 -19.23 3.14 -6.93
N TYR A 157 -19.43 2.99 -8.24
CA TYR A 157 -19.74 1.68 -8.84
C TYR A 157 -18.63 0.64 -8.72
N SER A 158 -17.39 1.05 -8.53
CA SER A 158 -16.31 0.08 -8.36
C SER A 158 -16.53 -0.74 -7.10
N ARG A 159 -17.29 -0.18 -6.18
CA ARG A 159 -17.57 -0.86 -4.94
C ARG A 159 -18.95 -1.49 -5.01
N GLU A 160 -19.92 -0.78 -5.58
CA GLU A 160 -21.25 -1.32 -5.73
C GLU A 160 -21.27 -2.47 -6.72
N MET A 161 -20.56 -2.30 -7.83
CA MET A 161 -20.78 -3.16 -8.98
C MET A 161 -19.61 -4.09 -9.28
N VAL A 162 -18.62 -4.09 -8.38
CA VAL A 162 -17.49 -4.98 -8.53
C VAL A 162 -17.08 -5.56 -7.19
N ALA A 163 -16.80 -4.72 -6.21
CA ALA A 163 -16.31 -5.24 -4.93
C ALA A 163 -17.35 -6.09 -4.23
N ILE A 164 -18.60 -5.63 -4.22
CA ILE A 164 -19.68 -6.33 -3.53
C ILE A 164 -20.05 -7.67 -4.18
N PRO A 165 -20.45 -7.66 -5.47
CA PRO A 165 -20.72 -8.96 -6.07
C PRO A 165 -19.50 -9.90 -6.10
N SER A 166 -18.28 -9.36 -6.08
CA SER A 166 -17.12 -10.25 -6.09
C SER A 166 -17.13 -11.10 -4.84
N ALA A 167 -17.54 -10.50 -3.73
CA ALA A 167 -17.55 -11.16 -2.45
C ALA A 167 -18.65 -12.23 -2.40
N HIS A 168 -19.81 -11.96 -2.99
CA HIS A 168 -20.84 -12.98 -3.10
C HIS A 168 -20.26 -14.13 -3.88
N LEU A 169 -19.55 -13.80 -4.96
CA LEU A 169 -18.89 -14.81 -5.76
C LEU A 169 -17.88 -15.59 -4.94
N ALA A 170 -17.16 -14.92 -4.04
CA ALA A 170 -16.20 -15.59 -3.15
C ALA A 170 -16.93 -16.46 -2.13
N ALA A 171 -18.09 -15.99 -1.68
CA ALA A 171 -18.94 -16.70 -0.73
C ALA A 171 -19.78 -17.82 -1.36
N GLY A 172 -19.52 -18.13 -2.62
CA GLY A 172 -20.16 -19.27 -3.27
C GLY A 172 -21.52 -19.06 -3.94
N PHE A 173 -21.84 -17.80 -4.22
CA PHE A 173 -23.02 -17.50 -5.01
C PHE A 173 -22.86 -18.10 -6.41
N PRO A 174 -23.89 -18.81 -6.90
CA PRO A 174 -23.80 -19.39 -8.24
C PRO A 174 -23.63 -18.31 -9.29
N LEU A 175 -22.52 -18.41 -10.03
CA LEU A 175 -22.12 -17.44 -11.06
C LEU A 175 -23.29 -17.09 -11.98
N SER A 176 -23.95 -18.11 -12.51
CA SER A 176 -25.05 -17.93 -13.47
C SER A 176 -26.28 -17.27 -12.86
N GLU A 177 -26.25 -17.03 -11.56
CA GLU A 177 -27.35 -16.31 -10.93
C GLU A 177 -27.10 -14.79 -10.79
N VAL A 178 -26.01 -14.28 -11.34
CA VAL A 178 -25.74 -12.85 -11.14
C VAL A 178 -26.61 -11.99 -12.05
N GLY A 179 -27.00 -12.55 -13.20
CA GLY A 179 -27.89 -11.91 -14.16
C GLY A 179 -27.92 -12.73 -15.42
N ARG A 180 -28.52 -12.18 -16.49
CA ARG A 180 -28.60 -12.87 -17.78
C ARG A 180 -27.24 -13.21 -18.43
N PRO A 181 -27.21 -14.28 -19.24
CA PRO A 181 -26.03 -14.50 -20.05
C PRO A 181 -25.77 -13.32 -20.99
N LEU A 182 -24.53 -12.85 -20.97
CA LEU A 182 -23.98 -11.94 -21.98
C LEU A 182 -23.49 -12.71 -23.22
N GLU A 183 -23.87 -12.27 -24.40
CA GLU A 183 -23.31 -12.85 -25.61
C GLU A 183 -22.03 -12.13 -25.95
N ASP A 184 -21.24 -12.71 -26.84
CA ASP A 184 -19.89 -12.26 -27.09
C ASP A 184 -19.80 -10.78 -27.49
N HIS A 185 -20.65 -10.36 -28.44
CA HIS A 185 -20.60 -8.99 -28.95
C HIS A 185 -20.97 -7.96 -27.87
N GLU A 186 -21.55 -8.46 -26.78
CA GLU A 186 -22.07 -7.63 -25.71
C GLU A 186 -20.98 -7.27 -24.71
N ILE A 187 -19.83 -7.95 -24.82
CA ILE A 187 -18.69 -7.64 -23.96
C ILE A 187 -17.79 -6.64 -24.66
N VAL A 188 -17.78 -5.42 -24.14
CA VAL A 188 -17.05 -4.31 -24.75
C VAL A 188 -15.58 -4.67 -24.88
N ARG A 189 -14.97 -4.26 -25.99
CA ARG A 189 -13.59 -4.57 -26.26
C ARG A 189 -12.83 -3.30 -26.61
N PHE A 190 -11.58 -3.22 -26.18
CA PHE A 190 -10.70 -2.17 -26.71
C PHE A 190 -9.72 -2.72 -27.74
N ASN A 191 -9.35 -1.87 -28.69
CA ASN A 191 -8.49 -2.30 -29.78
C ASN A 191 -7.03 -2.34 -29.39
N ARG A 192 -6.41 -3.51 -29.54
CA ARG A 192 -4.98 -3.63 -29.41
C ARG A 192 -4.35 -3.30 -30.77
N PRO A 193 -3.50 -2.25 -30.82
CA PRO A 193 -2.79 -1.98 -32.05
C PRO A 193 -1.68 -3.01 -32.26
N ALA A 194 -1.46 -3.39 -33.50
CA ALA A 194 -0.60 -4.51 -33.80
C ALA A 194 0.87 -4.12 -33.95
N VAL A 195 1.74 -5.12 -33.90
CA VAL A 195 3.13 -4.98 -34.26
C VAL A 195 3.11 -4.97 -35.78
N GLU A 196 3.63 -3.90 -36.37
CA GLU A 196 3.65 -3.77 -37.82
C GLU A 196 5.03 -4.20 -38.35
N GLN A 197 5.07 -4.86 -39.53
CA GLN A 197 6.37 -5.11 -40.15
C GLN A 197 6.79 -3.88 -40.97
N ASP A 198 8.08 -3.79 -41.28
CA ASP A 198 8.65 -2.66 -42.00
C ASP A 198 10.10 -3.02 -42.36
N GLY A 199 10.27 -3.64 -43.52
CA GLY A 199 11.54 -4.29 -43.86
C GLY A 199 11.66 -5.54 -43.01
N GLU A 200 12.83 -5.70 -42.38
CA GLU A 200 13.07 -6.79 -41.40
C GLU A 200 12.62 -6.35 -39.99
N ALA A 201 12.68 -5.05 -39.75
CA ALA A 201 12.33 -4.44 -38.48
C ALA A 201 10.85 -4.62 -38.12
N LEU A 202 10.61 -5.03 -36.87
CA LEU A 202 9.26 -5.04 -36.29
C LEU A 202 9.04 -3.70 -35.62
N VAL A 203 7.88 -3.09 -35.89
CA VAL A 203 7.56 -1.76 -35.38
C VAL A 203 6.38 -1.82 -34.41
N GLY A 204 6.56 -1.19 -33.26
CA GLY A 204 5.61 -1.19 -32.17
C GLY A 204 5.83 0.06 -31.33
N VAL A 205 5.62 -0.09 -30.04
CA VAL A 205 5.41 1.05 -29.14
C VAL A 205 5.83 0.69 -27.70
N VAL A 206 6.18 1.71 -26.91
CA VAL A 206 6.40 1.53 -25.46
C VAL A 206 5.09 1.38 -24.71
N SER A 207 4.90 0.20 -24.12
CA SER A 207 3.65 -0.11 -23.48
C SER A 207 3.68 0.37 -22.05
N ALA A 208 4.86 0.35 -21.43
CA ALA A 208 4.97 0.64 -20.01
C ALA A 208 6.36 1.02 -19.59
N ILE A 209 6.45 2.00 -18.71
CA ILE A 209 7.63 2.14 -17.88
C ILE A 209 7.44 1.19 -16.69
N ASP A 210 8.40 0.30 -16.51
CA ASP A 210 8.38 -0.68 -15.46
C ASP A 210 8.86 -0.03 -14.16
N HIS A 211 7.92 0.52 -13.38
CA HIS A 211 8.26 1.27 -12.14
C HIS A 211 8.52 0.27 -11.01
N PRO A 212 9.37 0.63 -10.05
CA PRO A 212 10.20 1.82 -9.92
C PRO A 212 11.59 1.67 -10.56
N PHE A 213 11.82 0.61 -11.31
CA PHE A 213 13.18 0.41 -11.80
C PHE A 213 13.54 1.36 -12.94
N GLY A 214 12.50 1.88 -13.61
CA GLY A 214 12.70 2.70 -14.79
C GLY A 214 13.08 1.86 -16.01
N ASN A 215 12.53 0.66 -16.11
CA ASN A 215 12.76 -0.17 -17.27
C ASN A 215 11.74 0.13 -18.33
N VAL A 216 12.12 -0.08 -19.59
CA VAL A 216 11.20 0.14 -20.71
C VAL A 216 10.69 -1.17 -21.27
N TRP A 217 9.38 -1.32 -21.23
CA TRP A 217 8.70 -2.47 -21.81
C TRP A 217 8.10 -2.05 -23.14
N THR A 218 8.03 -2.97 -24.10
CA THR A 218 7.44 -2.72 -25.44
C THR A 218 6.31 -3.71 -25.72
N ASN A 219 5.52 -3.49 -26.77
CA ASN A 219 4.46 -4.45 -27.11
C ASN A 219 4.85 -5.50 -28.13
N ILE A 220 6.15 -5.58 -28.44
CA ILE A 220 6.68 -6.65 -29.27
C ILE A 220 6.89 -7.90 -28.39
N HIS A 221 6.06 -8.91 -28.60
CA HIS A 221 6.14 -10.16 -27.83
C HIS A 221 7.30 -10.99 -28.33
N ARG A 222 7.69 -12.00 -27.58
CA ARG A 222 8.70 -12.94 -28.07
C ARG A 222 8.21 -13.57 -29.37
N THR A 223 6.92 -13.90 -29.44
CA THR A 223 6.33 -14.52 -30.63
C THR A 223 6.51 -13.66 -31.87
N ASP A 224 6.50 -12.35 -31.70
CA ASP A 224 6.79 -11.44 -32.82
C ASP A 224 8.25 -11.54 -33.17
N LEU A 225 9.07 -11.71 -32.14
CA LEU A 225 10.52 -11.82 -32.29
C LEU A 225 10.96 -13.18 -32.86
N GLU A 226 10.58 -14.26 -32.18
CA GLU A 226 10.94 -15.63 -32.57
C GLU A 226 10.19 -16.10 -33.82
N LYS A 227 9.56 -15.15 -34.51
CA LYS A 227 8.95 -15.37 -35.82
C LYS A 227 9.61 -14.46 -36.85
N ALA A 228 10.38 -13.47 -36.40
CA ALA A 228 11.30 -12.76 -37.28
C ALA A 228 12.67 -13.43 -37.18
N GLY A 229 12.72 -14.53 -36.43
CA GLY A 229 13.93 -15.33 -36.24
C GLY A 229 14.91 -14.76 -35.23
N ILE A 230 14.45 -13.77 -34.47
CA ILE A 230 15.26 -13.16 -33.41
C ILE A 230 15.16 -13.99 -32.12
N GLY A 231 16.30 -14.48 -31.67
CA GLY A 231 16.41 -15.23 -30.42
C GLY A 231 17.49 -14.67 -29.51
N TYR A 232 17.70 -15.31 -28.36
CA TYR A 232 18.75 -14.89 -27.44
C TYR A 232 20.11 -14.97 -28.12
N GLY A 233 20.87 -13.88 -28.08
CA GLY A 233 22.22 -13.87 -28.66
C GLY A 233 22.40 -12.92 -29.83
N ALA A 234 21.29 -12.46 -30.40
CA ALA A 234 21.32 -11.58 -31.55
C ALA A 234 21.58 -10.13 -31.19
N ARG A 235 22.50 -9.50 -31.91
CA ARG A 235 22.71 -8.06 -31.80
C ARG A 235 21.52 -7.35 -32.39
N LEU A 236 20.90 -6.50 -31.57
CA LEU A 236 19.70 -5.79 -31.99
C LEU A 236 19.87 -4.29 -31.99
N ARG A 237 19.13 -3.63 -32.87
CA ARG A 237 19.00 -2.18 -32.82
C ARG A 237 17.58 -1.74 -32.45
N LEU A 238 17.45 -1.21 -31.24
CA LEU A 238 16.17 -0.77 -30.72
C LEU A 238 16.13 0.75 -30.69
N THR A 239 15.18 1.32 -31.42
CA THR A 239 15.05 2.77 -31.51
C THR A 239 13.75 3.23 -30.86
N LEU A 240 13.84 4.26 -30.02
CA LEU A 240 12.67 4.75 -29.31
C LEU A 240 12.37 6.18 -29.74
N ASP A 241 11.18 6.68 -29.41
CA ASP A 241 10.76 8.08 -29.67
C ASP A 241 11.20 8.61 -31.05
N GLY A 242 11.50 7.67 -31.95
CA GLY A 242 11.95 7.98 -33.29
C GLY A 242 13.42 8.31 -33.34
N VAL A 243 13.96 8.84 -32.25
CA VAL A 243 15.28 9.44 -32.32
C VAL A 243 16.42 8.71 -31.59
N LEU A 244 16.10 8.03 -30.50
CA LEU A 244 17.10 7.35 -29.64
C LEU A 244 17.39 5.89 -29.98
N PRO A 245 18.45 5.61 -30.76
CA PRO A 245 18.79 4.22 -31.03
C PRO A 245 19.45 3.58 -29.79
N PHE A 246 19.48 2.25 -29.76
CA PHE A 246 20.18 1.46 -28.75
C PHE A 246 20.70 0.19 -29.39
N GLU A 247 21.85 -0.28 -28.91
CA GLU A 247 22.42 -1.51 -29.46
C GLU A 247 22.92 -2.41 -28.37
N ALA A 248 22.39 -3.62 -28.35
CA ALA A 248 22.88 -4.70 -27.52
C ALA A 248 22.35 -5.99 -28.07
N PRO A 249 23.00 -7.11 -27.71
CA PRO A 249 22.45 -8.44 -27.92
C PRO A 249 21.23 -8.65 -27.05
N LEU A 250 20.30 -9.48 -27.52
CA LEU A 250 19.21 -9.93 -26.67
C LEU A 250 19.76 -10.93 -25.65
N THR A 251 19.57 -10.60 -24.38
CA THR A 251 20.08 -11.42 -23.29
C THR A 251 18.95 -11.79 -22.32
N PRO A 252 19.13 -12.86 -21.53
CA PRO A 252 18.09 -13.21 -20.58
C PRO A 252 17.75 -12.12 -19.55
N THR A 253 18.76 -11.42 -19.02
CA THR A 253 18.52 -10.51 -17.89
C THR A 253 19.49 -9.32 -17.85
N PHE A 254 19.51 -8.56 -16.75
CA PHE A 254 20.24 -7.29 -16.70
C PHE A 254 21.74 -7.40 -16.43
N ALA A 255 22.15 -8.34 -15.57
CA ALA A 255 23.58 -8.48 -15.25
C ALA A 255 24.46 -8.91 -16.43
N ASP A 256 23.84 -9.25 -17.56
CA ASP A 256 24.55 -9.75 -18.73
C ASP A 256 25.16 -8.61 -19.55
N ALA A 257 24.47 -7.46 -19.54
CA ALA A 257 24.95 -6.21 -20.11
C ALA A 257 26.36 -5.80 -19.62
N GLY A 258 26.83 -6.42 -18.53
CA GLY A 258 28.20 -6.25 -18.03
C GLY A 258 28.28 -5.27 -16.89
N GLU A 259 28.98 -4.17 -17.13
CA GLU A 259 29.05 -3.06 -16.18
C GLU A 259 27.67 -2.53 -15.78
N ILE A 260 27.58 -2.05 -14.55
CA ILE A 260 26.44 -1.26 -14.10
C ILE A 260 26.34 0.01 -14.96
N GLY A 261 25.14 0.24 -15.50
CA GLY A 261 24.89 1.35 -16.40
C GLY A 261 24.73 0.92 -17.85
N ASN A 262 25.27 -0.25 -18.17
CA ASN A 262 25.18 -0.80 -19.52
C ASN A 262 23.74 -1.11 -19.98
N ILE A 263 23.54 -1.08 -21.29
CA ILE A 263 22.24 -1.31 -21.90
C ILE A 263 21.97 -2.80 -22.06
N ALA A 264 20.83 -3.25 -21.54
CA ALA A 264 20.42 -4.62 -21.68
C ALA A 264 19.11 -4.69 -22.47
N ILE A 265 19.09 -5.43 -23.57
CA ILE A 265 17.85 -5.74 -24.25
C ILE A 265 17.45 -7.18 -23.92
N TYR A 266 16.26 -7.34 -23.35
CA TYR A 266 15.81 -8.60 -22.73
C TYR A 266 14.33 -8.87 -22.99
N LEU A 267 13.89 -10.11 -22.75
CA LEU A 267 12.45 -10.41 -22.64
C LEU A 267 12.02 -10.28 -21.19
N ASN A 268 11.02 -9.44 -20.92
CA ASN A 268 10.57 -9.17 -19.54
C ASN A 268 9.83 -10.36 -18.96
N SER A 269 9.40 -10.25 -17.70
CA SER A 269 8.71 -11.35 -17.02
C SER A 269 7.31 -11.65 -17.57
N ARG A 270 6.82 -10.79 -18.46
CA ARG A 270 5.48 -10.99 -19.03
C ARG A 270 5.61 -11.47 -20.43
N GLY A 271 6.83 -11.64 -20.93
CA GLY A 271 7.08 -12.15 -22.28
C GLY A 271 7.31 -11.14 -23.41
N TYR A 272 7.71 -9.92 -23.05
CA TYR A 272 7.83 -8.84 -24.04
C TYR A 272 9.22 -8.28 -24.19
N LEU A 273 9.54 -7.84 -25.41
CA LEU A 273 10.81 -7.16 -25.67
C LEU A 273 10.96 -5.93 -24.76
N SER A 274 12.10 -5.86 -24.09
CA SER A 274 12.31 -4.82 -23.13
C SER A 274 13.73 -4.29 -23.25
N ILE A 275 13.95 -3.12 -22.67
CA ILE A 275 15.27 -2.50 -22.65
C ILE A 275 15.44 -1.77 -21.33
N ALA A 276 16.68 -1.78 -20.82
CA ALA A 276 17.00 -1.31 -19.49
C ALA A 276 18.48 -0.96 -19.32
N ARG A 277 18.80 -0.24 -18.25
CA ARG A 277 20.17 -0.19 -17.82
C ARG A 277 20.35 -1.23 -16.71
N ASN A 278 21.51 -1.89 -16.72
CA ASN A 278 21.86 -2.86 -15.68
C ASN A 278 22.10 -2.18 -14.35
N ALA A 279 21.19 -2.44 -13.40
CA ALA A 279 21.17 -1.78 -12.07
C ALA A 279 21.30 -0.25 -12.14
N ALA A 280 20.42 0.34 -12.93
CA ALA A 280 20.24 1.79 -13.01
C ALA A 280 18.98 1.97 -13.80
N SER A 281 18.41 3.17 -13.70
CA SER A 281 17.17 3.52 -14.38
C SER A 281 17.46 3.97 -15.81
N LEU A 282 16.68 3.46 -16.75
CA LEU A 282 16.84 3.89 -18.13
C LEU A 282 15.88 5.02 -18.46
N ALA A 283 14.65 4.87 -17.99
CA ALA A 283 13.56 5.70 -18.46
C ALA A 283 13.67 7.11 -17.91
N TYR A 284 13.77 7.20 -16.59
CA TYR A 284 13.59 8.46 -15.90
C TYR A 284 14.65 9.53 -16.28
N PRO A 285 15.95 9.19 -16.22
CA PRO A 285 16.97 10.20 -16.56
C PRO A 285 16.77 10.84 -17.93
N TYR A 286 16.17 10.10 -18.85
CA TYR A 286 15.93 10.58 -20.21
C TYR A 286 14.46 10.91 -20.40
N HIS A 287 13.70 10.82 -19.31
CA HIS A 287 12.26 11.08 -19.31
C HIS A 287 11.54 10.37 -20.47
N LEU A 288 11.77 9.07 -20.59
CA LEU A 288 11.05 8.26 -21.58
C LEU A 288 9.71 7.87 -21.00
N LYS A 289 8.72 7.57 -21.85
CA LYS A 289 7.37 7.28 -21.35
C LYS A 289 6.58 6.35 -22.26
N GLU A 290 5.61 5.68 -21.64
CA GLU A 290 4.52 4.97 -22.28
C GLU A 290 4.00 5.67 -23.55
N GLY A 291 3.82 4.89 -24.60
CA GLY A 291 3.21 5.36 -25.82
C GLY A 291 4.16 5.86 -26.88
N MET A 292 5.43 5.99 -26.50
CA MET A 292 6.50 6.35 -27.42
C MET A 292 6.76 5.20 -28.37
N SER A 293 7.04 5.52 -29.63
CA SER A 293 7.40 4.55 -30.66
C SER A 293 8.55 3.66 -30.24
N ALA A 294 8.56 2.43 -30.75
CA ALA A 294 9.67 1.49 -30.47
C ALA A 294 9.86 0.45 -31.57
N ARG A 295 11.00 0.55 -32.24
CA ARG A 295 11.31 -0.26 -33.41
C ARG A 295 12.58 -1.06 -33.17
N VAL A 296 12.57 -2.32 -33.63
CA VAL A 296 13.67 -3.26 -33.39
C VAL A 296 14.01 -4.02 -34.68
N GLU A 297 15.28 -4.36 -34.83
CA GLU A 297 15.77 -5.18 -35.97
C GLU A 297 17.05 -5.94 -35.62
N ALA A 298 17.22 -7.10 -36.25
CA ALA A 298 18.44 -7.89 -36.06
C ALA A 298 19.56 -7.37 -36.97
N ARG B 8 -12.81 -14.51 15.19
CA ARG B 8 -12.15 -14.04 13.92
C ARG B 8 -12.24 -12.50 13.67
N PRO B 9 -11.73 -11.68 14.62
CA PRO B 9 -12.02 -10.25 14.69
C PRO B 9 -11.19 -9.39 13.75
N ILE B 10 -11.65 -8.15 13.57
CA ILE B 10 -11.01 -7.22 12.64
C ILE B 10 -10.61 -5.92 13.31
N ILE B 11 -9.40 -5.48 13.00
CA ILE B 11 -8.93 -4.14 13.32
C ILE B 11 -8.78 -3.34 12.03
N ALA B 12 -9.42 -2.18 11.97
CA ALA B 12 -9.17 -1.30 10.84
C ALA B 12 -8.15 -0.20 11.21
N PHE B 13 -7.04 -0.16 10.47
CA PHE B 13 -5.87 0.59 10.91
C PHE B 13 -5.62 1.81 10.02
N MET B 14 -5.73 3.00 10.61
CA MET B 14 -5.50 4.24 9.92
C MET B 14 -4.46 5.01 10.71
N SER B 15 -3.39 5.40 10.04
CA SER B 15 -2.39 6.23 10.67
C SER B 15 -1.82 7.22 9.68
N ASP B 16 -0.87 8.01 10.18
CA ASP B 16 -0.07 8.88 9.34
C ASP B 16 1.37 8.37 9.10
N LEU B 17 1.61 7.07 9.30
CA LEU B 17 2.98 6.52 9.37
C LEU B 17 3.68 6.31 8.03
N GLY B 18 2.98 6.51 6.93
CA GLY B 18 3.49 6.20 5.60
C GLY B 18 3.59 4.69 5.37
N THR B 19 4.01 4.32 4.16
CA THR B 19 4.20 2.93 3.78
C THR B 19 5.61 2.80 3.18
N THR B 20 6.50 3.69 3.59
CA THR B 20 7.85 3.71 3.03
C THR B 20 8.92 3.04 3.91
N ASP B 21 8.58 2.75 5.17
CA ASP B 21 9.45 1.95 6.05
C ASP B 21 8.67 0.88 6.79
N ASP B 22 9.23 0.36 7.88
CA ASP B 22 8.68 -0.85 8.48
C ASP B 22 7.72 -0.57 9.60
N SER B 23 7.32 0.69 9.71
CA SER B 23 6.59 1.20 10.88
C SER B 23 5.21 0.60 11.11
N VAL B 24 4.37 0.62 10.08
CA VAL B 24 3.06 0.00 10.12
C VAL B 24 3.19 -1.49 10.38
N ALA B 25 4.06 -2.16 9.61
CA ALA B 25 4.41 -3.58 9.82
C ALA B 25 4.68 -3.90 11.28
N GLN B 26 5.57 -3.13 11.93
CA GLN B 26 5.77 -3.27 13.36
C GLN B 26 4.45 -3.32 14.15
N CYS B 27 3.54 -2.39 13.91
CA CYS B 27 2.24 -2.46 14.59
C CYS B 27 1.55 -3.77 14.22
N LYS B 28 1.39 -4.04 12.92
CA LYS B 28 0.80 -5.30 12.48
C LYS B 28 1.37 -6.52 13.22
N GLY B 29 2.68 -6.53 13.46
CA GLY B 29 3.34 -7.64 14.12
C GLY B 29 2.82 -7.88 15.51
N LEU B 30 2.58 -6.79 16.23
CA LEU B 30 2.13 -6.90 17.60
C LEU B 30 0.65 -7.27 17.58
N MET B 31 -0.06 -6.82 16.56
CA MET B 31 -1.48 -7.15 16.42
C MET B 31 -1.69 -8.65 16.24
N TYR B 32 -0.81 -9.27 15.46
CA TYR B 32 -0.91 -10.69 15.27
C TYR B 32 -0.35 -11.41 16.49
N SER B 33 0.59 -10.76 17.17
CA SER B 33 1.21 -11.31 18.37
C SER B 33 0.25 -11.46 19.54
N ILE B 34 -0.55 -10.42 19.79
CA ILE B 34 -1.51 -10.37 20.91
C ILE B 34 -2.85 -11.02 20.56
N CYS B 35 -3.30 -10.80 19.32
CA CYS B 35 -4.54 -11.39 18.82
C CYS B 35 -4.26 -12.19 17.56
N PRO B 36 -3.79 -13.44 17.74
CA PRO B 36 -3.32 -14.27 16.62
C PRO B 36 -4.32 -14.41 15.46
N ASP B 37 -5.61 -14.43 15.79
CA ASP B 37 -6.65 -14.65 14.80
C ASP B 37 -7.22 -13.38 14.13
N VAL B 38 -6.68 -12.21 14.46
CA VAL B 38 -7.08 -10.93 13.88
C VAL B 38 -6.90 -10.86 12.38
N THR B 39 -7.75 -10.12 11.71
CA THR B 39 -7.46 -9.70 10.34
C THR B 39 -7.18 -8.23 10.38
N VAL B 40 -6.02 -7.82 9.88
CA VAL B 40 -5.75 -6.39 9.86
C VAL B 40 -6.09 -5.79 8.50
N VAL B 41 -6.91 -4.75 8.51
CA VAL B 41 -7.33 -4.05 7.30
C VAL B 41 -6.74 -2.64 7.27
N ASP B 42 -5.87 -2.39 6.29
CA ASP B 42 -5.33 -1.07 6.05
C ASP B 42 -6.41 -0.10 5.55
N VAL B 43 -6.67 0.94 6.32
CA VAL B 43 -7.53 2.03 5.86
C VAL B 43 -6.68 2.82 4.88
N CYS B 44 -5.74 3.57 5.45
CA CYS B 44 -4.70 4.28 4.72
C CYS B 44 -3.68 4.78 5.73
N HIS B 45 -2.50 5.13 5.24
CA HIS B 45 -1.40 5.54 6.09
C HIS B 45 -0.68 6.69 5.48
N SER B 46 -1.36 7.38 4.56
CA SER B 46 -0.78 8.47 3.78
C SER B 46 -1.29 9.82 4.19
N MET B 47 -2.03 9.90 5.29
CA MET B 47 -2.65 11.17 5.67
C MET B 47 -1.57 12.18 5.98
N THR B 48 -1.78 13.41 5.55
CA THR B 48 -0.95 14.56 5.94
C THR B 48 -0.65 14.42 7.43
N PRO B 49 0.63 14.33 7.80
CA PRO B 49 1.02 14.12 9.20
C PRO B 49 0.47 15.20 10.12
N TRP B 50 0.11 14.81 11.35
CA TRP B 50 -0.33 15.74 12.42
C TRP B 50 -1.63 16.54 12.14
N ASP B 51 -2.25 16.32 10.99
CA ASP B 51 -3.46 17.02 10.55
C ASP B 51 -4.73 16.26 10.97
N VAL B 52 -5.13 16.42 12.23
CA VAL B 52 -6.28 15.69 12.79
C VAL B 52 -7.58 15.79 12.00
N GLU B 53 -7.86 16.99 11.46
CA GLU B 53 -9.07 17.24 10.65
C GLU B 53 -9.10 16.37 9.39
N GLU B 54 -7.93 16.19 8.77
CA GLU B 54 -7.79 15.35 7.59
C GLU B 54 -7.96 13.89 7.98
N GLY B 55 -7.32 13.51 9.08
CA GLY B 55 -7.37 12.15 9.56
C GLY B 55 -8.79 11.76 9.89
N ALA B 56 -9.54 12.73 10.40
CA ALA B 56 -10.97 12.59 10.67
C ALA B 56 -11.76 12.10 9.43
N ARG B 57 -11.54 12.77 8.30
CA ARG B 57 -12.18 12.39 7.04
C ARG B 57 -12.06 10.91 6.71
N TYR B 58 -10.86 10.36 6.86
CA TYR B 58 -10.59 9.00 6.45
C TYR B 58 -11.12 7.90 7.37
N ILE B 59 -11.77 8.28 8.47
CA ILE B 59 -12.25 7.33 9.49
C ILE B 59 -13.77 7.41 9.80
N VAL B 60 -14.38 8.56 9.57
CA VAL B 60 -15.74 8.83 10.06
C VAL B 60 -16.83 8.02 9.33
N ASP B 61 -16.56 7.63 8.09
CA ASP B 61 -17.54 6.94 7.27
C ASP B 61 -17.41 5.42 7.36
N LEU B 62 -16.34 4.96 8.00
CA LEU B 62 -16.02 3.52 8.05
C LEU B 62 -17.07 2.57 8.68
N PRO B 63 -17.71 2.98 9.78
CA PRO B 63 -18.34 1.88 10.53
C PRO B 63 -19.38 1.05 9.78
N ARG B 64 -20.09 1.61 8.80
CA ARG B 64 -21.24 0.88 8.17
C ARG B 64 -20.78 -0.23 7.24
N PHE B 65 -19.55 -0.07 6.77
CA PHE B 65 -18.88 -1.01 5.88
C PHE B 65 -18.25 -2.22 6.59
N PHE B 66 -18.10 -2.19 7.92
CA PHE B 66 -17.41 -3.28 8.63
C PHE B 66 -18.31 -4.15 9.51
N PRO B 67 -18.00 -5.45 9.64
CA PRO B 67 -18.89 -6.25 10.51
C PRO B 67 -18.87 -5.73 11.94
N GLU B 68 -19.94 -5.97 12.68
CA GLU B 68 -19.97 -5.60 14.09
C GLU B 68 -18.82 -6.27 14.82
N GLY B 69 -18.17 -5.52 15.69
CA GLY B 69 -17.04 -6.00 16.49
C GLY B 69 -15.72 -5.56 15.91
N THR B 70 -15.77 -4.90 14.77
CA THR B 70 -14.58 -4.36 14.18
C THR B 70 -14.06 -3.31 15.16
N VAL B 71 -12.73 -3.25 15.32
CA VAL B 71 -12.06 -2.23 16.17
C VAL B 71 -11.33 -1.27 15.25
N PHE B 72 -11.58 0.02 15.42
CA PHE B 72 -10.91 1.01 14.57
C PHE B 72 -9.71 1.58 15.26
N ALA B 73 -8.51 1.20 14.77
CA ALA B 73 -7.26 1.76 15.25
C ALA B 73 -6.84 3.00 14.40
N THR B 74 -6.99 4.20 14.99
CA THR B 74 -6.83 5.47 14.27
C THR B 74 -5.84 6.38 14.99
N THR B 75 -4.79 6.83 14.30
CA THR B 75 -3.69 7.51 14.99
C THR B 75 -2.79 8.45 14.19
N THR B 76 -2.68 9.68 14.69
CA THR B 76 -1.59 10.60 14.43
C THR B 76 -1.23 11.13 15.81
N TYR B 77 0.01 10.96 16.22
CA TYR B 77 0.41 11.30 17.58
C TYR B 77 1.52 12.32 17.69
N PRO B 78 1.27 13.61 17.36
CA PRO B 78 2.33 14.61 17.58
C PRO B 78 2.80 14.69 19.03
N ALA B 79 1.94 14.23 19.95
CA ALA B 79 2.20 14.32 21.36
C ALA B 79 2.77 13.01 21.85
N THR B 80 3.35 12.26 20.93
CA THR B 80 3.93 10.97 21.29
C THR B 80 5.11 11.19 22.23
N GLY B 81 5.14 10.47 23.34
CA GLY B 81 6.21 10.62 24.32
C GLY B 81 5.86 11.47 25.54
N THR B 82 4.63 11.98 25.56
CA THR B 82 4.15 12.79 26.67
C THR B 82 3.20 12.00 27.59
N THR B 83 2.62 12.70 28.56
CA THR B 83 1.77 12.08 29.56
C THR B 83 0.33 11.84 29.04
N THR B 84 0.06 12.27 27.81
CA THR B 84 -1.27 11.99 27.23
C THR B 84 -1.52 10.51 27.04
N ARG B 85 -2.77 10.11 27.15
CA ARG B 85 -3.12 8.72 26.92
C ARG B 85 -4.29 8.66 25.96
N SER B 86 -4.32 7.58 25.18
CA SER B 86 -5.38 7.39 24.23
C SER B 86 -6.77 7.32 24.85
N VAL B 87 -7.76 7.51 24.00
CA VAL B 87 -9.12 7.33 24.44
C VAL B 87 -9.69 6.15 23.68
N ALA B 88 -10.50 5.37 24.35
CA ALA B 88 -11.19 4.25 23.71
C ALA B 88 -12.67 4.45 23.94
N VAL B 89 -13.44 4.29 22.86
CA VAL B 89 -14.86 4.63 22.85
C VAL B 89 -15.71 3.65 22.03
N ARG B 90 -16.86 3.29 22.57
CA ARG B 90 -17.84 2.48 21.88
C ARG B 90 -18.84 3.44 21.21
N ILE B 91 -18.87 3.50 19.88
CA ILE B 91 -19.83 4.39 19.22
C ILE B 91 -21.29 3.93 19.34
N LYS B 92 -22.22 4.88 19.30
CA LYS B 92 -23.65 4.57 19.40
C LYS B 92 -24.17 4.11 18.06
N GLN B 93 -24.64 5.06 17.22
CA GLN B 93 -25.22 4.77 15.90
C GLN B 93 -24.11 4.42 14.92
N ALA B 94 -24.28 3.30 14.22
CA ALA B 94 -23.39 2.88 13.14
C ALA B 94 -23.39 3.88 11.98
N ALA B 95 -24.48 4.62 11.85
CA ALA B 95 -24.70 5.61 10.78
C ALA B 95 -24.81 5.08 9.35
N LYS B 96 -25.97 5.37 8.74
CA LYS B 96 -26.13 5.31 7.30
C LYS B 96 -25.21 6.37 6.72
N GLY B 97 -25.05 6.38 5.40
CA GLY B 97 -24.23 7.39 4.77
C GLY B 97 -24.36 7.47 3.27
N GLY B 98 -23.38 8.11 2.65
CA GLY B 98 -23.39 8.30 1.21
C GLY B 98 -24.27 9.46 0.79
N ALA B 99 -24.51 9.53 -0.52
CA ALA B 99 -25.28 10.61 -1.12
C ALA B 99 -26.73 10.63 -0.63
N ARG B 100 -27.37 9.46 -0.52
CA ARG B 100 -28.76 9.40 -0.03
C ARG B 100 -28.88 9.32 1.47
N GLY B 101 -27.88 8.71 2.11
CA GLY B 101 -27.99 8.32 3.50
C GLY B 101 -28.68 6.97 3.53
N GLN B 102 -27.89 5.90 3.43
CA GLN B 102 -28.39 4.53 3.39
C GLN B 102 -27.34 3.54 3.87
N TRP B 103 -27.82 2.37 4.26
CA TRP B 103 -26.94 1.28 4.62
C TRP B 103 -26.08 0.83 3.44
N ALA B 104 -24.92 0.27 3.75
CA ALA B 104 -23.99 -0.18 2.72
C ALA B 104 -24.21 -1.66 2.53
N GLY B 105 -24.03 -2.11 1.29
CA GLY B 105 -24.13 -3.53 0.90
C GLY B 105 -25.08 -3.84 -0.26
N SER B 106 -25.12 -5.12 -0.61
CA SER B 106 -26.13 -5.62 -1.54
C SER B 106 -27.53 -5.60 -0.93
N GLY B 107 -28.53 -5.76 -1.79
CA GLY B 107 -29.92 -5.67 -1.36
C GLY B 107 -30.18 -4.29 -0.86
N ALA B 108 -30.88 -4.20 0.27
CA ALA B 108 -31.10 -2.96 0.96
C ALA B 108 -29.96 -2.61 1.94
N GLY B 109 -28.89 -3.38 1.90
CA GLY B 109 -27.70 -3.11 2.71
C GLY B 109 -27.62 -3.84 4.04
N PHE B 110 -26.39 -3.97 4.56
CA PHE B 110 -26.12 -4.49 5.89
C PHE B 110 -26.46 -3.50 6.98
N GLU B 111 -27.73 -3.52 7.39
CA GLU B 111 -28.13 -2.87 8.63
C GLU B 111 -27.19 -3.31 9.76
N ARG B 112 -26.77 -2.33 10.57
CA ARG B 112 -25.80 -2.53 11.63
C ARG B 112 -26.37 -2.19 13.00
N ALA B 113 -26.22 -3.09 13.95
CA ALA B 113 -26.66 -2.81 15.34
C ALA B 113 -25.92 -1.64 16.00
N GLU B 114 -26.58 -1.00 16.95
CA GLU B 114 -25.95 0.08 17.73
C GLU B 114 -24.86 -0.49 18.65
N GLY B 115 -24.09 0.40 19.28
CA GLY B 115 -23.00 0.01 20.20
C GLY B 115 -21.96 -1.00 19.71
N SER B 116 -21.73 -1.08 18.40
CA SER B 116 -21.03 -2.23 17.82
C SER B 116 -19.57 -2.03 17.37
N TYR B 117 -19.06 -0.79 17.42
CA TYR B 117 -17.68 -0.52 17.03
C TYR B 117 -16.90 0.26 18.09
N ILE B 118 -15.62 -0.08 18.23
CA ILE B 118 -14.76 0.62 19.16
C ILE B 118 -13.73 1.40 18.37
N TYR B 119 -13.51 2.65 18.75
CA TYR B 119 -12.40 3.42 18.20
C TYR B 119 -11.41 3.61 19.31
N ILE B 120 -10.14 3.50 18.95
CA ILE B 120 -9.09 3.84 19.87
C ILE B 120 -8.17 4.81 19.09
N ALA B 121 -7.67 5.81 19.77
CA ALA B 121 -7.10 6.96 19.11
C ALA B 121 -6.36 7.80 20.13
N PRO B 122 -5.51 8.71 19.67
CA PRO B 122 -4.93 9.65 20.61
C PRO B 122 -6.04 10.56 21.11
N ASN B 123 -5.95 11.02 22.34
CA ASN B 123 -6.94 12.00 22.78
C ASN B 123 -6.60 13.41 22.33
N ASN B 124 -6.75 13.67 21.03
CA ASN B 124 -6.35 14.94 20.45
C ASN B 124 -7.33 15.44 19.39
N GLY B 125 -8.57 14.95 19.47
CA GLY B 125 -9.63 15.43 18.59
C GLY B 125 -9.72 14.66 17.27
N LEU B 126 -8.93 13.59 17.11
CA LEU B 126 -9.00 12.78 15.90
C LEU B 126 -10.41 12.23 15.66
N LEU B 127 -11.14 11.97 16.74
CA LEU B 127 -12.49 11.39 16.68
C LEU B 127 -13.64 12.39 16.80
N THR B 128 -13.35 13.69 16.68
CA THR B 128 -14.40 14.74 16.72
C THR B 128 -15.58 14.38 15.81
N THR B 129 -15.29 14.22 14.52
CA THR B 129 -16.27 13.85 13.50
C THR B 129 -17.01 12.56 13.83
N VAL B 130 -16.26 11.54 14.23
CA VAL B 130 -16.81 10.22 14.52
C VAL B 130 -17.82 10.30 15.66
N LEU B 131 -17.47 11.03 16.71
CA LEU B 131 -18.41 11.22 17.80
C LEU B 131 -19.62 12.03 17.33
N GLU B 132 -19.34 13.15 16.65
CA GLU B 132 -20.34 14.10 16.23
C GLU B 132 -21.38 13.38 15.40
N GLU B 133 -20.90 12.45 14.59
CA GLU B 133 -21.77 11.75 13.64
C GLU B 133 -22.31 10.39 14.08
N HIS B 134 -21.68 9.79 15.08
CA HIS B 134 -22.13 8.47 15.52
C HIS B 134 -22.63 8.47 16.96
N GLY B 135 -22.35 9.54 17.69
CA GLY B 135 -22.48 9.54 19.16
C GLY B 135 -21.61 8.45 19.79
N TYR B 136 -21.59 8.37 21.12
CA TYR B 136 -20.88 7.28 21.81
C TYR B 136 -21.65 6.73 23.04
N LEU B 137 -21.33 5.49 23.42
CA LEU B 137 -21.96 4.86 24.60
C LEU B 137 -21.08 4.94 25.82
N GLU B 138 -19.78 4.77 25.65
CA GLU B 138 -18.81 4.83 26.75
C GLU B 138 -17.44 5.27 26.25
N ALA B 139 -16.63 5.84 27.16
CA ALA B 139 -15.30 6.36 26.84
C ALA B 139 -14.36 6.05 28.00
N TYR B 140 -13.16 5.58 27.69
CA TYR B 140 -12.15 5.19 28.70
C TYR B 140 -10.74 5.65 28.35
N GLU B 141 -9.99 6.07 29.37
CA GLU B 141 -8.62 6.47 29.18
C GLU B 141 -7.77 5.21 29.10
N VAL B 142 -6.96 5.09 28.05
CA VAL B 142 -6.20 3.86 27.88
C VAL B 142 -4.92 3.92 28.73
N THR B 143 -4.93 3.27 29.88
CA THR B 143 -3.84 3.42 30.85
C THR B 143 -3.25 2.12 31.36
N SER B 144 -4.10 1.10 31.46
CA SER B 144 -3.78 -0.16 32.12
C SER B 144 -2.61 -0.88 31.43
N PRO B 145 -1.61 -1.30 32.23
CA PRO B 145 -0.45 -1.98 31.64
C PRO B 145 -0.78 -3.39 31.13
N LYS B 146 -2.03 -3.81 31.23
CA LYS B 146 -2.47 -5.02 30.54
C LYS B 146 -2.66 -4.74 29.05
N VAL B 147 -2.71 -3.47 28.66
CA VAL B 147 -2.94 -3.11 27.25
C VAL B 147 -2.01 -2.04 26.61
N ILE B 148 -1.11 -1.45 27.40
CA ILE B 148 -0.02 -0.58 26.90
C ILE B 148 1.30 -0.95 27.59
N PRO B 149 2.44 -0.62 26.97
CA PRO B 149 3.70 -0.92 27.61
C PRO B 149 3.87 -0.18 28.92
N GLU B 150 4.58 -0.80 29.86
CA GLU B 150 4.95 -0.09 31.08
C GLU B 150 5.98 0.98 30.75
N GLN B 151 6.76 0.74 29.70
CA GLN B 151 7.74 1.69 29.20
C GLN B 151 7.46 2.01 27.72
N PRO B 152 6.40 2.80 27.43
CA PRO B 152 6.07 3.14 26.04
C PRO B 152 7.16 3.91 25.33
N GLU B 153 7.60 3.40 24.18
CA GLU B 153 8.64 4.01 23.38
C GLU B 153 8.26 5.47 23.14
N PRO B 154 9.11 6.43 23.58
CA PRO B 154 8.74 7.83 23.66
C PRO B 154 8.25 8.41 22.34
N THR B 155 8.92 8.06 21.24
CA THR B 155 8.52 8.59 19.93
C THR B 155 7.55 7.71 19.14
N PHE B 156 7.00 6.65 19.72
CA PHE B 156 6.17 5.74 18.88
C PHE B 156 4.80 5.41 19.47
N TYR B 157 4.12 6.41 20.02
CA TYR B 157 2.83 6.19 20.69
C TYR B 157 1.76 5.55 19.82
N SER B 158 1.87 5.69 18.51
CA SER B 158 0.94 5.07 17.56
C SER B 158 1.03 3.55 17.57
N ARG B 159 2.21 3.03 17.86
CA ARG B 159 2.38 1.61 18.00
C ARG B 159 1.97 1.16 19.40
N GLU B 160 2.34 1.98 20.40
CA GLU B 160 2.27 1.66 21.83
C GLU B 160 0.93 1.93 22.47
N MET B 161 0.33 3.07 22.11
CA MET B 161 -0.85 3.58 22.77
C MET B 161 -2.08 3.45 21.87
N VAL B 162 -1.89 2.96 20.65
CA VAL B 162 -3.03 2.71 19.77
C VAL B 162 -3.00 1.26 19.26
N ALA B 163 -1.91 0.85 18.59
CA ALA B 163 -1.90 -0.46 17.91
C ALA B 163 -1.98 -1.57 18.94
N ILE B 164 -1.05 -1.58 19.88
CA ILE B 164 -1.01 -2.61 20.92
C ILE B 164 -2.38 -2.78 21.64
N PRO B 165 -2.98 -1.67 22.16
CA PRO B 165 -4.27 -1.84 22.85
C PRO B 165 -5.43 -2.23 21.92
N SER B 166 -5.34 -1.84 20.65
CA SER B 166 -6.34 -2.26 19.67
C SER B 166 -6.36 -3.78 19.59
N ALA B 167 -5.17 -4.37 19.65
CA ALA B 167 -5.03 -5.81 19.52
C ALA B 167 -5.66 -6.53 20.70
N HIS B 168 -5.47 -5.93 21.89
CA HIS B 168 -6.04 -6.46 23.10
C HIS B 168 -7.53 -6.39 23.05
N LEU B 169 -8.09 -5.24 22.68
CA LEU B 169 -9.54 -5.11 22.55
C LEU B 169 -10.09 -6.12 21.55
N ALA B 170 -9.66 -6.05 20.29
CA ALA B 170 -10.00 -7.07 19.29
C ALA B 170 -10.08 -8.51 19.84
N ALA B 171 -9.08 -8.90 20.64
CA ALA B 171 -9.05 -10.26 21.20
C ALA B 171 -10.08 -10.54 22.31
N GLY B 172 -10.83 -9.52 22.70
CA GLY B 172 -11.80 -9.64 23.78
C GLY B 172 -11.48 -9.00 25.13
N PHE B 173 -10.37 -8.27 25.25
CA PHE B 173 -10.13 -7.50 26.48
C PHE B 173 -11.30 -6.55 26.65
N PRO B 174 -12.00 -6.63 27.79
CA PRO B 174 -13.20 -5.78 27.96
C PRO B 174 -12.82 -4.32 27.92
N LEU B 175 -13.55 -3.54 27.14
CA LEU B 175 -13.34 -2.10 26.97
C LEU B 175 -13.14 -1.35 28.29
N SER B 176 -13.91 -1.76 29.31
CA SER B 176 -14.06 -1.00 30.53
C SER B 176 -12.84 -1.13 31.44
N GLU B 177 -11.98 -2.08 31.09
CA GLU B 177 -10.81 -2.40 31.90
C GLU B 177 -9.54 -1.68 31.41
N VAL B 178 -9.65 -0.91 30.33
CA VAL B 178 -8.51 -0.18 29.74
C VAL B 178 -7.99 0.97 30.64
N GLY B 179 -8.86 1.43 31.53
CA GLY B 179 -8.56 2.50 32.45
C GLY B 179 -9.84 3.17 32.83
N ARG B 180 -9.75 4.28 33.57
CA ARG B 180 -10.96 4.95 34.08
C ARG B 180 -11.82 5.51 32.95
N PRO B 181 -13.12 5.74 33.23
CA PRO B 181 -13.98 6.34 32.21
C PRO B 181 -13.70 7.84 32.09
N LEU B 182 -13.85 8.37 30.90
CA LEU B 182 -13.65 9.80 30.67
C LEU B 182 -14.98 10.54 30.65
N GLU B 183 -15.10 11.59 31.46
CA GLU B 183 -16.21 12.53 31.29
C GLU B 183 -16.10 13.25 29.94
N ASP B 184 -17.24 13.60 29.37
CA ASP B 184 -17.28 14.21 28.04
C ASP B 184 -16.30 15.38 27.80
N HIS B 185 -16.25 16.34 28.71
CA HIS B 185 -15.37 17.51 28.52
C HIS B 185 -13.88 17.14 28.45
N GLU B 186 -13.56 15.89 28.80
CA GLU B 186 -12.18 15.39 28.77
C GLU B 186 -11.77 14.85 27.39
N ILE B 187 -12.78 14.63 26.54
CA ILE B 187 -12.58 14.24 25.14
C ILE B 187 -12.36 15.47 24.25
N VAL B 188 -11.10 15.65 23.85
CA VAL B 188 -10.71 16.79 23.03
C VAL B 188 -11.49 16.77 21.72
N ARG B 189 -12.07 17.92 21.36
CA ARG B 189 -12.60 18.11 19.99
C ARG B 189 -11.96 19.31 19.35
N PHE B 190 -11.77 19.26 18.04
CA PHE B 190 -11.41 20.46 17.30
C PHE B 190 -12.68 21.17 16.80
N ASN B 191 -12.54 22.44 16.41
CA ASN B 191 -13.70 23.18 15.94
C ASN B 191 -13.91 22.83 14.49
N ARG B 192 -15.16 22.57 14.13
CA ARG B 192 -15.52 22.41 12.73
C ARG B 192 -16.15 23.71 12.24
N PRO B 193 -15.48 24.38 11.28
CA PRO B 193 -16.13 25.54 10.68
C PRO B 193 -17.42 25.10 9.99
N ALA B 194 -18.52 25.74 10.34
CA ALA B 194 -19.84 25.37 9.85
C ALA B 194 -20.16 26.02 8.50
N VAL B 195 -21.20 25.51 7.85
CA VAL B 195 -21.69 26.11 6.61
C VAL B 195 -22.58 27.29 6.96
N GLU B 196 -22.21 28.47 6.47
CA GLU B 196 -22.96 29.71 6.70
C GLU B 196 -23.97 29.89 5.60
N GLN B 197 -24.77 30.95 5.71
CA GLN B 197 -25.79 31.26 4.71
C GLN B 197 -25.71 32.73 4.35
N ASP B 198 -26.01 33.05 3.10
CA ASP B 198 -25.98 34.42 2.58
C ASP B 198 -27.00 34.50 1.45
N GLY B 199 -28.11 35.21 1.69
CA GLY B 199 -29.25 35.16 0.78
C GLY B 199 -29.77 33.73 0.78
N GLU B 200 -29.98 33.18 -0.43
CA GLU B 200 -30.25 31.74 -0.57
C GLU B 200 -28.95 30.91 -0.71
N ALA B 201 -27.82 31.59 -0.82
CA ALA B 201 -26.51 30.93 -1.00
C ALA B 201 -25.98 30.19 0.23
N LEU B 202 -25.08 29.23 -0.01
CA LEU B 202 -24.38 28.49 1.05
C LEU B 202 -22.88 28.70 0.89
N VAL B 203 -22.20 29.05 1.99
CA VAL B 203 -20.77 29.44 1.96
C VAL B 203 -19.87 28.45 2.73
N GLY B 204 -19.01 27.73 2.01
CA GLY B 204 -18.08 26.79 2.64
C GLY B 204 -16.64 26.86 2.18
N VAL B 205 -16.00 25.70 2.15
CA VAL B 205 -14.62 25.54 1.72
C VAL B 205 -14.48 24.29 0.87
N VAL B 206 -13.27 24.09 0.36
CA VAL B 206 -12.89 22.84 -0.29
C VAL B 206 -12.31 21.98 0.81
N SER B 207 -13.12 21.04 1.29
CA SER B 207 -12.69 20.12 2.33
C SER B 207 -11.51 19.29 1.86
N ALA B 208 -11.47 18.99 0.56
CA ALA B 208 -10.60 17.92 0.09
C ALA B 208 -10.43 17.87 -1.41
N ILE B 209 -9.23 17.47 -1.86
CA ILE B 209 -9.05 16.99 -3.23
C ILE B 209 -9.17 15.46 -3.32
N ASP B 210 -10.11 15.02 -4.13
CA ASP B 210 -10.39 13.59 -4.32
C ASP B 210 -9.30 12.94 -5.19
N HIS B 211 -8.23 12.52 -4.53
CA HIS B 211 -7.12 11.81 -5.18
C HIS B 211 -7.53 10.38 -5.43
N PRO B 212 -7.03 9.76 -6.52
CA PRO B 212 -6.09 10.23 -7.56
C PRO B 212 -6.74 10.93 -8.76
N PHE B 213 -8.06 11.18 -8.69
CA PHE B 213 -8.81 11.68 -9.86
C PHE B 213 -8.75 13.18 -10.04
N GLY B 214 -8.77 13.92 -8.93
CA GLY B 214 -8.80 15.37 -8.95
C GLY B 214 -10.20 15.96 -8.82
N ASN B 215 -11.14 15.21 -8.23
CA ASN B 215 -12.45 15.82 -7.96
C ASN B 215 -12.29 16.82 -6.81
N VAL B 216 -13.18 17.78 -6.73
CA VAL B 216 -13.11 18.80 -5.70
C VAL B 216 -14.23 18.51 -4.71
N TRP B 217 -13.86 18.36 -3.45
CA TRP B 217 -14.82 18.10 -2.37
C TRP B 217 -15.08 19.37 -1.53
N THR B 218 -16.35 19.62 -1.21
CA THR B 218 -16.72 20.69 -0.28
C THR B 218 -17.29 20.13 1.04
N ASN B 219 -17.41 21.00 2.04
CA ASN B 219 -18.09 20.66 3.27
C ASN B 219 -19.56 21.10 3.26
N ILE B 220 -20.09 21.36 2.08
CA ILE B 220 -21.51 21.67 1.95
C ILE B 220 -22.23 20.34 1.74
N HIS B 221 -22.75 19.80 2.85
CA HIS B 221 -23.45 18.50 2.92
C HIS B 221 -24.82 18.57 2.25
N ARG B 222 -25.42 17.41 1.99
CA ARG B 222 -26.77 17.39 1.38
C ARG B 222 -27.83 17.97 2.32
N THR B 223 -27.60 17.88 3.63
CA THR B 223 -28.57 18.41 4.59
C THR B 223 -28.60 19.92 4.49
N ASP B 224 -27.41 20.51 4.37
CA ASP B 224 -27.26 21.94 4.05
C ASP B 224 -27.99 22.23 2.75
N LEU B 225 -27.75 21.43 1.72
CA LEU B 225 -28.41 21.61 0.41
C LEU B 225 -29.94 21.49 0.51
N GLU B 226 -30.39 20.40 1.11
CA GLU B 226 -31.80 20.13 1.34
C GLU B 226 -32.42 21.11 2.34
N LYS B 227 -31.86 22.32 2.47
CA LYS B 227 -32.38 23.32 3.43
C LYS B 227 -32.28 24.71 2.85
N ALA B 228 -31.91 24.76 1.58
CA ALA B 228 -32.14 25.91 0.73
C ALA B 228 -32.92 25.34 -0.44
N GLY B 229 -33.35 24.09 -0.27
CA GLY B 229 -34.27 23.40 -1.21
C GLY B 229 -33.63 22.75 -2.42
N ILE B 230 -32.31 22.57 -2.37
CA ILE B 230 -31.51 22.15 -3.52
C ILE B 230 -31.54 20.63 -3.73
N GLY B 231 -32.09 20.21 -4.88
CA GLY B 231 -32.05 18.81 -5.31
C GLY B 231 -31.58 18.62 -6.76
N TYR B 232 -31.33 17.37 -7.14
CA TYR B 232 -30.95 17.00 -8.51
C TYR B 232 -31.71 17.75 -9.62
N GLY B 233 -30.95 18.35 -10.54
CA GLY B 233 -31.52 19.02 -11.70
C GLY B 233 -31.61 20.51 -11.53
N ALA B 234 -31.27 20.99 -10.33
CA ALA B 234 -31.25 22.42 -10.04
C ALA B 234 -30.05 23.08 -10.70
N ARG B 235 -30.32 24.17 -11.44
CA ARG B 235 -29.23 24.93 -12.08
C ARG B 235 -28.44 25.68 -11.00
N LEU B 236 -27.26 25.15 -10.68
CA LEU B 236 -26.40 25.76 -9.65
C LEU B 236 -25.29 26.62 -10.22
N ARG B 237 -24.89 27.59 -9.42
CA ARG B 237 -23.61 28.26 -9.62
C ARG B 237 -22.73 27.97 -8.42
N LEU B 238 -21.70 27.19 -8.67
CA LEU B 238 -20.70 26.88 -7.65
C LEU B 238 -19.46 27.70 -7.94
N THR B 239 -19.18 28.68 -7.08
CA THR B 239 -17.98 29.51 -7.18
C THR B 239 -16.89 28.92 -6.30
N LEU B 240 -15.70 28.71 -6.88
CA LEU B 240 -14.54 28.23 -6.13
C LEU B 240 -13.48 29.32 -6.04
N ASP B 241 -12.64 29.30 -5.01
CA ASP B 241 -11.53 30.25 -4.90
C ASP B 241 -12.00 31.67 -5.17
N GLY B 242 -13.27 31.95 -4.88
CA GLY B 242 -13.85 33.30 -5.02
C GLY B 242 -13.90 33.92 -6.41
N VAL B 243 -13.14 33.41 -7.37
CA VAL B 243 -13.10 34.03 -8.71
C VAL B 243 -13.57 33.12 -9.86
N LEU B 244 -13.92 31.87 -9.53
CA LEU B 244 -14.27 30.85 -10.52
C LEU B 244 -15.73 30.39 -10.45
N PRO B 245 -16.65 31.12 -11.11
CA PRO B 245 -18.00 30.56 -11.15
C PRO B 245 -17.92 29.23 -11.88
N PHE B 246 -18.75 28.27 -11.50
CA PHE B 246 -18.95 27.08 -12.29
C PHE B 246 -20.45 26.98 -12.36
N GLU B 247 -20.96 26.53 -13.51
CA GLU B 247 -22.40 26.45 -13.63
C GLU B 247 -22.80 25.14 -14.26
N ALA B 248 -23.51 24.34 -13.47
CA ALA B 248 -24.04 23.05 -13.94
C ALA B 248 -25.24 22.66 -13.09
N PRO B 249 -26.10 21.76 -13.61
CA PRO B 249 -27.11 21.16 -12.74
C PRO B 249 -26.46 20.28 -11.68
N LEU B 250 -27.14 20.13 -10.55
CA LEU B 250 -26.79 19.10 -9.61
C LEU B 250 -27.25 17.75 -10.19
N THR B 251 -26.30 16.81 -10.31
CA THR B 251 -26.51 15.53 -10.96
C THR B 251 -25.91 14.40 -10.15
N PRO B 252 -26.45 13.17 -10.28
CA PRO B 252 -25.95 12.04 -9.48
C PRO B 252 -24.51 11.60 -9.77
N THR B 253 -24.12 11.59 -11.04
CA THR B 253 -22.84 11.02 -11.40
C THR B 253 -22.12 11.83 -12.47
N PHE B 254 -20.90 11.44 -12.79
CA PHE B 254 -20.07 12.24 -13.69
C PHE B 254 -20.54 12.26 -15.14
N ALA B 255 -20.89 11.09 -15.67
CA ALA B 255 -21.40 10.95 -17.06
C ALA B 255 -22.50 11.93 -17.40
N ASP B 256 -23.26 12.35 -16.39
CA ASP B 256 -24.39 13.21 -16.61
C ASP B 256 -24.04 14.55 -17.28
N ALA B 257 -22.81 15.03 -17.13
CA ALA B 257 -22.35 16.28 -17.79
C ALA B 257 -22.21 16.20 -19.33
N GLY B 258 -22.29 14.99 -19.87
CA GLY B 258 -22.23 14.78 -21.31
C GLY B 258 -20.85 14.38 -21.80
N GLU B 259 -20.17 15.32 -22.44
CA GLU B 259 -18.90 15.03 -23.10
C GLU B 259 -17.77 14.89 -22.11
N ILE B 260 -16.82 14.01 -22.42
CA ILE B 260 -15.61 13.91 -21.60
C ILE B 260 -14.97 15.29 -21.40
N GLY B 261 -14.61 15.57 -20.15
CA GLY B 261 -13.97 16.82 -19.77
C GLY B 261 -14.93 17.89 -19.28
N ASN B 262 -16.24 17.68 -19.48
CA ASN B 262 -17.25 18.62 -19.01
C ASN B 262 -17.37 18.67 -17.49
N ILE B 263 -17.93 19.77 -17.01
CA ILE B 263 -18.12 20.08 -15.59
C ILE B 263 -19.38 19.41 -15.01
N ALA B 264 -19.16 18.72 -13.90
CA ALA B 264 -20.21 18.02 -13.20
C ALA B 264 -20.29 18.56 -11.78
N ILE B 265 -21.51 18.88 -11.34
CA ILE B 265 -21.78 19.19 -9.95
C ILE B 265 -22.62 18.05 -9.32
N TYR B 266 -22.04 17.37 -8.34
CA TYR B 266 -22.69 16.18 -7.81
C TYR B 266 -22.59 16.09 -6.29
N LEU B 267 -23.21 15.07 -5.72
CA LEU B 267 -23.03 14.70 -4.32
C LEU B 267 -22.17 13.44 -4.21
N ASN B 268 -21.03 13.55 -3.52
CA ASN B 268 -20.08 12.43 -3.48
C ASN B 268 -20.56 11.24 -2.65
N SER B 269 -19.83 10.14 -2.74
CA SER B 269 -20.12 8.93 -1.97
C SER B 269 -20.22 9.18 -0.44
N ARG B 270 -19.70 10.32 0.02
CA ARG B 270 -19.78 10.73 1.43
C ARG B 270 -21.00 11.60 1.73
N GLY B 271 -21.73 12.04 0.71
CA GLY B 271 -22.88 12.90 0.89
C GLY B 271 -22.65 14.39 0.77
N TYR B 272 -21.49 14.81 0.27
CA TYR B 272 -21.23 16.25 0.14
C TYR B 272 -21.20 16.77 -1.29
N LEU B 273 -21.64 18.02 -1.43
CA LEU B 273 -21.58 18.70 -2.70
C LEU B 273 -20.14 18.76 -3.20
N SER B 274 -19.96 18.34 -4.45
CA SER B 274 -18.66 18.30 -5.05
C SER B 274 -18.74 18.77 -6.49
N ILE B 275 -17.57 18.83 -7.12
CA ILE B 275 -17.47 19.25 -8.52
C ILE B 275 -16.26 18.60 -9.18
N ALA B 276 -16.40 18.29 -10.46
CA ALA B 276 -15.43 17.47 -11.14
C ALA B 276 -15.61 17.67 -12.60
N ARG B 277 -14.86 16.90 -13.38
CA ARG B 277 -15.09 16.79 -14.81
C ARG B 277 -15.40 15.35 -15.18
N ASN B 278 -16.22 15.20 -16.21
CA ASN B 278 -16.54 13.89 -16.74
C ASN B 278 -15.29 13.23 -17.32
N ALA B 279 -14.79 12.20 -16.62
CA ALA B 279 -13.65 11.39 -17.05
C ALA B 279 -12.45 12.27 -17.43
N ALA B 280 -12.11 13.18 -16.54
CA ALA B 280 -10.99 14.09 -16.71
C ALA B 280 -10.76 14.76 -15.36
N SER B 281 -9.55 15.28 -15.15
CA SER B 281 -9.27 15.90 -13.87
C SER B 281 -9.64 17.37 -13.85
N LEU B 282 -10.34 17.78 -12.80
CA LEU B 282 -10.58 19.19 -12.49
C LEU B 282 -9.46 19.89 -11.72
N ALA B 283 -9.09 19.34 -10.57
CA ALA B 283 -8.11 19.96 -9.68
C ALA B 283 -6.65 20.00 -10.18
N TYR B 284 -6.18 18.95 -10.88
CA TYR B 284 -4.75 18.86 -11.25
C TYR B 284 -4.28 19.94 -12.23
N PRO B 285 -4.94 20.08 -13.40
CA PRO B 285 -4.42 21.12 -14.30
C PRO B 285 -4.39 22.54 -13.71
N TYR B 286 -5.43 22.90 -12.95
CA TYR B 286 -5.57 24.26 -12.41
C TYR B 286 -5.10 24.42 -10.96
N HIS B 287 -4.44 23.38 -10.44
CA HIS B 287 -3.79 23.42 -9.11
C HIS B 287 -4.74 23.89 -8.01
N LEU B 288 -5.95 23.35 -8.03
CA LEU B 288 -6.94 23.65 -7.00
C LEU B 288 -6.58 22.86 -5.73
N LYS B 289 -6.93 23.41 -4.57
CA LYS B 289 -6.38 22.94 -3.29
C LYS B 289 -7.42 22.93 -2.15
N GLU B 290 -7.18 22.09 -1.15
CA GLU B 290 -7.95 22.08 0.07
C GLU B 290 -7.84 23.41 0.81
N GLY B 291 -8.99 24.00 1.14
CA GLY B 291 -9.01 25.25 1.90
C GLY B 291 -9.51 26.47 1.12
N MET B 292 -9.69 26.30 -0.19
CA MET B 292 -10.19 27.36 -1.03
C MET B 292 -11.69 27.53 -0.81
N SER B 293 -12.18 28.75 -1.01
CA SER B 293 -13.57 29.05 -0.74
C SER B 293 -14.55 28.32 -1.67
N ALA B 294 -15.69 27.97 -1.12
CA ALA B 294 -16.73 27.28 -1.88
C ALA B 294 -18.10 27.85 -1.58
N ARG B 295 -18.82 28.18 -2.64
CA ARG B 295 -20.11 28.85 -2.55
C ARG B 295 -21.06 28.26 -3.57
N VAL B 296 -22.32 28.06 -3.17
CA VAL B 296 -23.33 27.50 -4.06
C VAL B 296 -24.65 28.28 -3.97
N GLU B 297 -25.30 28.42 -5.12
CA GLU B 297 -26.63 29.06 -5.24
C GLU B 297 -27.31 28.63 -6.55
N ALA B 298 -28.63 28.66 -6.58
CA ALA B 298 -29.34 28.42 -7.82
C ALA B 298 -29.63 29.74 -8.54
N ARG C 8 -1.05 -20.76 12.16
CA ARG C 8 -1.11 -19.38 11.71
C ARG C 8 0.26 -18.88 11.29
N PRO C 9 0.75 -19.36 10.15
CA PRO C 9 2.06 -18.94 9.61
C PRO C 9 2.11 -17.49 9.13
N ILE C 10 3.15 -16.77 9.50
CA ILE C 10 3.32 -15.43 9.00
C ILE C 10 4.51 -15.29 8.05
N ILE C 11 4.23 -14.75 6.87
CA ILE C 11 5.27 -14.26 5.97
C ILE C 11 5.29 -12.74 6.05
N ALA C 12 6.42 -12.19 6.50
CA ALA C 12 6.63 -10.75 6.46
C ALA C 12 7.47 -10.42 5.25
N PHE C 13 6.89 -9.64 4.34
CA PHE C 13 7.41 -9.46 3.01
C PHE C 13 7.92 -8.03 2.78
N MET C 14 9.21 -7.86 2.52
CA MET C 14 9.80 -6.54 2.23
C MET C 14 10.51 -6.61 0.90
N SER C 15 10.04 -5.86 -0.10
CA SER C 15 10.61 -5.90 -1.46
C SER C 15 10.93 -4.52 -2.00
N ASP C 16 11.52 -4.47 -3.20
CA ASP C 16 11.71 -3.22 -3.94
C ASP C 16 10.87 -3.26 -5.19
N LEU C 17 9.73 -3.93 -5.09
CA LEU C 17 8.87 -4.13 -6.25
C LEU C 17 7.97 -2.94 -6.47
N GLY C 18 7.74 -2.16 -5.43
CA GLY C 18 6.80 -1.07 -5.53
C GLY C 18 5.38 -1.59 -5.55
N THR C 19 4.43 -0.66 -5.41
CA THR C 19 3.02 -1.00 -5.34
C THR C 19 2.27 -0.41 -6.51
N THR C 20 2.96 -0.22 -7.64
CA THR C 20 2.37 0.42 -8.84
C THR C 20 1.76 -0.59 -9.82
N ASP C 21 2.23 -1.82 -9.75
CA ASP C 21 1.74 -2.91 -10.58
C ASP C 21 1.53 -4.18 -9.74
N ASP C 22 1.42 -5.32 -10.42
CA ASP C 22 1.02 -6.58 -9.81
C ASP C 22 2.16 -7.49 -9.37
N SER C 23 3.38 -6.96 -9.36
CA SER C 23 4.56 -7.74 -9.03
C SER C 23 4.45 -8.41 -7.66
N VAL C 24 3.93 -7.66 -6.69
CA VAL C 24 3.85 -8.13 -5.33
C VAL C 24 2.75 -9.17 -5.19
N ALA C 25 1.68 -8.94 -5.94
CA ALA C 25 0.46 -9.78 -5.96
C ALA C 25 0.75 -11.16 -6.54
N GLN C 26 1.70 -11.21 -7.47
CA GLN C 26 2.10 -12.48 -8.09
C GLN C 26 2.87 -13.29 -7.07
N CYS C 27 3.75 -12.63 -6.34
CA CYS C 27 4.47 -13.28 -5.25
C CYS C 27 3.45 -13.82 -4.24
N LYS C 28 2.55 -12.94 -3.79
CA LYS C 28 1.55 -13.26 -2.76
C LYS C 28 0.66 -14.44 -3.11
N GLY C 29 0.14 -14.42 -4.35
CA GLY C 29 -0.72 -15.47 -4.87
C GLY C 29 -0.07 -16.83 -4.83
N LEU C 30 1.21 -16.87 -5.16
CA LEU C 30 2.02 -18.08 -5.04
C LEU C 30 2.27 -18.45 -3.59
N MET C 31 2.34 -17.44 -2.73
CA MET C 31 2.52 -17.62 -1.30
C MET C 31 1.28 -18.33 -0.74
N TYR C 32 0.10 -17.84 -1.13
CA TYR C 32 -1.17 -18.46 -0.75
C TYR C 32 -1.37 -19.82 -1.38
N SER C 33 -0.91 -19.99 -2.63
CA SER C 33 -0.95 -21.29 -3.31
C SER C 33 -0.14 -22.34 -2.53
N ILE C 34 1.07 -22.00 -2.09
CA ILE C 34 1.95 -22.97 -1.44
C ILE C 34 1.56 -23.21 0.03
N CYS C 35 1.08 -22.15 0.68
CA CYS C 35 0.76 -22.21 2.09
C CYS C 35 -0.60 -21.54 2.30
N PRO C 36 -1.71 -22.28 2.09
CA PRO C 36 -3.08 -21.70 2.09
C PRO C 36 -3.43 -20.97 3.39
N ASP C 37 -3.06 -21.55 4.53
CA ASP C 37 -3.22 -20.92 5.84
C ASP C 37 -2.30 -19.72 6.19
N VAL C 38 -1.43 -19.30 5.27
CA VAL C 38 -0.45 -18.26 5.59
C VAL C 38 -1.07 -16.87 5.76
N THR C 39 -0.46 -16.02 6.58
CA THR C 39 -0.82 -14.61 6.58
C THR C 39 0.34 -13.79 6.03
N VAL C 40 0.03 -13.05 4.96
CA VAL C 40 1.00 -12.18 4.33
C VAL C 40 0.88 -10.73 4.78
N VAL C 41 1.94 -10.25 5.43
CA VAL C 41 2.06 -8.91 5.98
C VAL C 41 3.09 -8.11 5.18
N ASP C 42 2.66 -7.01 4.60
CA ASP C 42 3.59 -6.19 3.89
C ASP C 42 4.45 -5.41 4.89
N VAL C 43 5.78 -5.54 4.78
CA VAL C 43 6.67 -4.62 5.48
C VAL C 43 6.61 -3.29 4.73
N CYS C 44 7.32 -3.20 3.62
CA CYS C 44 7.23 -2.06 2.71
C CYS C 44 7.69 -2.58 1.38
N HIS C 45 7.46 -1.80 0.33
CA HIS C 45 7.71 -2.28 -1.00
C HIS C 45 8.25 -1.19 -1.86
N SER C 46 8.83 -0.17 -1.24
CA SER C 46 9.12 1.08 -1.94
C SER C 46 10.54 1.53 -1.78
N MET C 47 11.37 0.67 -1.19
CA MET C 47 12.77 1.00 -0.90
C MET C 47 13.49 1.40 -2.18
N THR C 48 14.55 2.19 -2.03
CA THR C 48 15.39 2.54 -3.18
C THR C 48 15.88 1.27 -3.91
N PRO C 49 15.47 1.09 -5.18
CA PRO C 49 15.86 -0.03 -6.03
C PRO C 49 17.33 -0.41 -5.88
N TRP C 50 17.60 -1.71 -5.72
CA TRP C 50 18.97 -2.26 -5.60
C TRP C 50 19.77 -1.77 -4.40
N ASP C 51 19.14 -1.00 -3.50
CA ASP C 51 19.91 -0.42 -2.42
C ASP C 51 19.90 -1.29 -1.18
N VAL C 52 20.88 -2.19 -1.12
CA VAL C 52 21.03 -3.14 -0.02
C VAL C 52 21.02 -2.48 1.38
N GLU C 53 21.90 -1.51 1.61
CA GLU C 53 21.95 -0.80 2.90
C GLU C 53 20.59 -0.33 3.37
N GLU C 54 19.86 0.33 2.48
CA GLU C 54 18.53 0.82 2.78
C GLU C 54 17.59 -0.32 3.12
N GLY C 55 17.51 -1.31 2.23
CA GLY C 55 16.67 -2.47 2.47
C GLY C 55 16.89 -3.04 3.85
N ALA C 56 18.15 -2.95 4.30
CA ALA C 56 18.58 -3.57 5.55
C ALA C 56 17.99 -2.92 6.80
N ARG C 57 17.83 -1.59 6.78
CA ARG C 57 17.19 -0.85 7.87
C ARG C 57 15.69 -1.24 8.06
N TYR C 58 14.99 -1.52 6.97
CA TYR C 58 13.57 -1.86 7.03
C TYR C 58 13.30 -3.27 7.57
N ILE C 59 14.37 -4.06 7.66
CA ILE C 59 14.22 -5.46 8.00
C ILE C 59 14.90 -5.83 9.32
N VAL C 60 15.90 -5.07 9.72
CA VAL C 60 16.73 -5.49 10.84
C VAL C 60 16.02 -5.56 12.19
N ASP C 61 14.94 -4.78 12.33
CA ASP C 61 14.34 -4.46 13.63
C ASP C 61 13.08 -5.25 13.94
N LEU C 62 12.65 -6.06 12.97
CA LEU C 62 11.32 -6.66 12.98
C LEU C 62 11.09 -7.84 13.95
N PRO C 63 12.12 -8.71 14.19
CA PRO C 63 11.89 -9.96 14.94
C PRO C 63 11.11 -9.82 16.23
N ARG C 64 11.49 -8.86 17.07
CA ARG C 64 10.83 -8.82 18.36
C ARG C 64 9.36 -8.51 18.17
N PHE C 65 9.03 -7.83 17.09
CA PHE C 65 7.66 -7.44 16.88
C PHE C 65 6.72 -8.57 16.47
N PHE C 66 7.28 -9.68 16.00
CA PHE C 66 6.45 -10.73 15.41
C PHE C 66 6.35 -11.99 16.23
N PRO C 67 5.24 -12.75 16.05
CA PRO C 67 5.07 -14.01 16.75
C PRO C 67 6.19 -14.96 16.40
N GLU C 68 6.33 -16.03 17.16
CA GLU C 68 7.38 -16.97 16.87
C GLU C 68 7.07 -17.80 15.63
N GLY C 69 8.12 -18.04 14.84
CA GLY C 69 8.04 -18.86 13.62
C GLY C 69 7.73 -18.08 12.35
N THR C 70 7.74 -16.76 12.46
CA THR C 70 7.52 -15.89 11.33
C THR C 70 8.70 -15.97 10.35
N VAL C 71 8.36 -16.07 9.07
CA VAL C 71 9.33 -16.07 7.98
C VAL C 71 9.41 -14.67 7.44
N PHE C 72 10.62 -14.16 7.32
CA PHE C 72 10.85 -12.85 6.72
C PHE C 72 11.31 -13.00 5.26
N ALA C 73 10.42 -12.69 4.33
CA ALA C 73 10.81 -12.58 2.95
C ALA C 73 11.34 -11.14 2.69
N THR C 74 12.65 -11.02 2.57
CA THR C 74 13.31 -9.70 2.42
C THR C 74 14.17 -9.71 1.17
N THR C 75 13.94 -8.75 0.26
CA THR C 75 14.47 -8.88 -1.11
C THR C 75 14.62 -7.63 -1.99
N THR C 76 15.86 -7.30 -2.37
CA THR C 76 16.18 -6.52 -3.58
C THR C 76 17.10 -7.41 -4.38
N TYR C 77 16.79 -7.63 -5.65
CA TYR C 77 17.54 -8.66 -6.40
C TYR C 77 18.27 -8.22 -7.71
N PRO C 78 19.19 -7.22 -7.63
CA PRO C 78 19.88 -6.74 -8.87
C PRO C 78 20.70 -7.80 -9.64
N ALA C 79 20.89 -8.98 -9.02
CA ALA C 79 21.63 -10.10 -9.64
C ALA C 79 20.73 -11.21 -10.17
N THR C 80 19.43 -10.94 -10.19
CA THR C 80 18.42 -11.86 -10.72
C THR C 80 18.82 -12.37 -12.07
N GLY C 81 18.59 -13.67 -12.28
CA GLY C 81 18.95 -14.27 -13.54
C GLY C 81 20.35 -14.84 -13.53
N THR C 82 21.23 -14.41 -12.62
CA THR C 82 22.54 -15.05 -12.53
C THR C 82 22.43 -16.41 -11.86
N THR C 83 23.56 -17.11 -11.80
CA THR C 83 23.63 -18.41 -11.12
C THR C 83 23.62 -18.21 -9.60
N THR C 84 23.50 -16.95 -9.17
CA THR C 84 23.42 -16.61 -7.75
C THR C 84 22.21 -17.28 -7.12
N ARG C 85 22.40 -17.79 -5.91
CA ARG C 85 21.29 -18.41 -5.19
C ARG C 85 20.99 -17.68 -3.89
N SER C 86 19.74 -17.79 -3.46
CA SER C 86 19.32 -17.20 -2.21
C SER C 86 19.97 -17.85 -0.97
N VAL C 87 19.81 -17.16 0.15
CA VAL C 87 20.29 -17.63 1.44
C VAL C 87 19.08 -17.67 2.38
N ALA C 88 19.08 -18.62 3.29
CA ALA C 88 18.08 -18.65 4.35
C ALA C 88 18.72 -18.90 5.72
N VAL C 89 18.27 -18.16 6.74
CA VAL C 89 18.87 -18.27 8.10
C VAL C 89 17.85 -18.29 9.24
N ARG C 90 18.08 -19.16 10.22
CA ARG C 90 17.38 -19.03 11.47
C ARG C 90 18.27 -18.16 12.35
N ILE C 91 17.75 -17.02 12.78
CA ILE C 91 18.55 -16.09 13.54
C ILE C 91 18.51 -16.50 15.00
N LYS C 92 19.47 -16.03 15.80
CA LYS C 92 19.59 -16.48 17.19
C LYS C 92 18.78 -15.60 18.16
N GLN C 93 19.34 -14.45 18.58
CA GLN C 93 18.64 -13.47 19.40
C GLN C 93 17.56 -12.80 18.55
N ALA C 94 16.34 -12.68 19.08
CA ALA C 94 15.35 -11.82 18.45
C ALA C 94 15.71 -10.36 18.71
N ALA C 95 16.33 -10.13 19.86
CA ALA C 95 16.91 -8.83 20.26
C ALA C 95 15.91 -7.73 20.57
N LYS C 96 16.02 -7.22 21.80
CA LYS C 96 15.34 -6.00 22.22
C LYS C 96 15.71 -4.84 21.29
N GLY C 97 15.03 -3.71 21.43
CA GLY C 97 15.36 -2.52 20.65
C GLY C 97 14.87 -1.19 21.20
N GLY C 98 14.62 -0.26 20.28
CA GLY C 98 14.09 1.06 20.59
C GLY C 98 15.19 1.93 21.14
N ALA C 99 14.82 3.16 21.48
CA ALA C 99 15.76 4.09 22.10
C ALA C 99 16.52 3.47 23.30
N ARG C 100 15.88 2.51 23.97
CA ARG C 100 16.30 1.98 25.28
C ARG C 100 16.99 0.61 25.27
N GLY C 101 16.44 -0.34 24.52
CA GLY C 101 16.87 -1.74 24.59
C GLY C 101 15.88 -2.53 25.41
N GLN C 102 14.65 -2.57 24.93
CA GLN C 102 13.55 -3.27 25.63
C GLN C 102 12.85 -4.21 24.63
N TRP C 103 12.25 -5.28 25.15
CA TRP C 103 11.34 -6.12 24.35
C TRP C 103 10.09 -5.32 23.99
N ALA C 104 9.37 -5.73 22.96
CA ALA C 104 8.15 -5.02 22.52
C ALA C 104 6.84 -5.55 23.11
N GLY C 105 5.82 -4.71 23.14
CA GLY C 105 4.50 -5.15 23.54
C GLY C 105 3.98 -4.51 24.81
N SER C 106 2.81 -4.97 25.23
CA SER C 106 2.15 -4.46 26.43
C SER C 106 2.82 -5.03 27.70
N GLY C 107 2.53 -4.42 28.85
CA GLY C 107 3.20 -4.81 30.07
C GLY C 107 4.69 -4.64 29.91
N ALA C 108 5.44 -5.66 30.34
CA ALA C 108 6.91 -5.64 30.31
C ALA C 108 7.47 -6.07 28.96
N GLY C 109 6.64 -6.04 27.91
CA GLY C 109 7.05 -6.57 26.64
C GLY C 109 7.05 -8.09 26.62
N PHE C 110 6.91 -8.66 25.42
CA PHE C 110 6.90 -10.10 25.24
C PHE C 110 8.31 -10.52 24.90
N GLU C 111 8.79 -11.59 25.53
CA GLU C 111 10.11 -12.13 25.18
C GLU C 111 9.98 -13.10 24.03
N ARG C 112 11.03 -13.23 23.23
CA ARG C 112 11.02 -14.22 22.16
C ARG C 112 12.10 -15.27 22.37
N ALA C 113 11.69 -16.53 22.32
CA ALA C 113 12.62 -17.61 22.34
C ALA C 113 13.66 -17.37 21.25
N GLU C 114 14.88 -17.86 21.48
CA GLU C 114 15.91 -17.87 20.45
C GLU C 114 15.57 -18.86 19.35
N GLY C 115 16.20 -18.68 18.19
CA GLY C 115 16.01 -19.55 17.03
C GLY C 115 14.58 -19.63 16.57
N SER C 116 13.93 -18.48 16.43
CA SER C 116 12.48 -18.45 16.29
C SER C 116 12.00 -17.73 15.03
N TYR C 117 12.93 -17.28 14.18
CA TYR C 117 12.60 -16.55 12.96
C TYR C 117 13.60 -16.84 11.84
N ILE C 118 13.09 -17.08 10.64
CA ILE C 118 13.89 -17.39 9.46
C ILE C 118 13.88 -16.21 8.50
N TYR C 119 15.06 -15.73 8.12
CA TYR C 119 15.18 -14.77 7.02
C TYR C 119 15.47 -15.51 5.72
N ILE C 120 14.77 -15.16 4.64
CA ILE C 120 15.20 -15.56 3.32
C ILE C 120 15.29 -14.36 2.37
N ALA C 121 16.42 -14.29 1.66
CA ALA C 121 16.88 -13.10 0.98
C ALA C 121 17.84 -13.47 -0.16
N PRO C 122 18.04 -12.54 -1.12
CA PRO C 122 19.24 -12.65 -1.95
C PRO C 122 20.47 -12.69 -1.04
N ASN C 123 21.45 -13.53 -1.38
CA ASN C 123 22.75 -13.48 -0.71
C ASN C 123 23.59 -12.37 -1.32
N ASN C 124 23.12 -11.14 -1.12
CA ASN C 124 23.76 -10.00 -1.75
C ASN C 124 24.21 -8.96 -0.70
N GLY C 125 24.07 -9.33 0.57
CA GLY C 125 24.47 -8.48 1.70
C GLY C 125 23.27 -7.85 2.40
N LEU C 126 22.07 -8.14 1.91
CA LEU C 126 20.83 -7.55 2.43
C LEU C 126 20.64 -7.88 3.91
N LEU C 127 21.16 -9.04 4.31
CA LEU C 127 21.04 -9.51 5.70
C LEU C 127 22.23 -9.16 6.57
N THR C 128 23.08 -8.26 6.10
CA THR C 128 24.28 -7.90 6.84
C THR C 128 23.92 -7.55 8.27
N THR C 129 23.06 -6.57 8.44
CA THR C 129 22.78 -6.09 9.79
C THR C 129 21.88 -7.02 10.58
N VAL C 130 20.99 -7.75 9.91
CA VAL C 130 20.22 -8.80 10.58
C VAL C 130 21.19 -9.80 11.19
N LEU C 131 22.08 -10.36 10.37
CA LEU C 131 23.05 -11.32 10.86
C LEU C 131 23.87 -10.76 12.01
N GLU C 132 24.43 -9.56 11.84
CA GLU C 132 25.11 -8.85 12.94
C GLU C 132 24.26 -8.76 14.20
N GLU C 133 23.14 -8.04 14.11
CA GLU C 133 22.33 -7.78 15.30
C GLU C 133 21.70 -9.01 15.93
N HIS C 134 21.46 -10.03 15.14
CA HIS C 134 20.73 -11.18 15.67
C HIS C 134 21.57 -12.46 15.87
N GLY C 135 22.69 -12.58 15.16
CA GLY C 135 23.43 -13.84 15.09
C GLY C 135 22.58 -14.87 14.38
N TYR C 136 23.13 -16.06 14.20
CA TYR C 136 22.35 -17.13 13.57
C TYR C 136 22.81 -18.55 13.98
N LEU C 137 21.91 -19.51 13.82
CA LEU C 137 22.16 -20.88 14.22
C LEU C 137 22.46 -21.74 13.01
N GLU C 138 21.83 -21.42 11.87
CA GLU C 138 22.07 -22.14 10.62
C GLU C 138 21.78 -21.29 9.39
N ALA C 139 22.31 -21.72 8.25
CA ALA C 139 22.29 -20.93 7.03
C ALA C 139 22.48 -21.81 5.79
N TYR C 140 21.53 -21.76 4.87
CA TYR C 140 21.57 -22.64 3.70
C TYR C 140 21.35 -21.86 2.40
N GLU C 141 22.13 -22.23 1.40
CA GLU C 141 21.93 -21.84 0.01
C GLU C 141 20.62 -22.44 -0.46
N VAL C 142 19.78 -21.63 -1.05
CA VAL C 142 18.45 -22.07 -1.49
C VAL C 142 18.49 -22.57 -2.96
N THR C 143 18.92 -23.83 -3.12
CA THR C 143 19.10 -24.43 -4.44
C THR C 143 18.00 -25.42 -4.84
N SER C 144 17.21 -25.87 -3.86
CA SER C 144 16.36 -27.07 -4.04
C SER C 144 15.10 -26.87 -4.87
N PRO C 145 14.88 -27.76 -5.84
CA PRO C 145 13.74 -27.75 -6.76
C PRO C 145 12.37 -28.02 -6.10
N LYS C 146 12.34 -28.22 -4.79
CA LYS C 146 11.07 -28.37 -4.08
C LYS C 146 10.60 -27.05 -3.49
N VAL C 147 11.52 -26.08 -3.43
CA VAL C 147 11.22 -24.77 -2.86
C VAL C 147 11.45 -23.62 -3.84
N ILE C 148 12.22 -23.86 -4.90
CA ILE C 148 12.38 -22.89 -5.98
C ILE C 148 12.06 -23.55 -7.32
N PRO C 149 11.71 -22.74 -8.36
CA PRO C 149 11.39 -23.29 -9.68
C PRO C 149 12.56 -23.99 -10.38
N GLU C 150 12.26 -25.04 -11.12
CA GLU C 150 13.25 -25.68 -11.96
C GLU C 150 13.77 -24.75 -13.08
N GLN C 151 12.89 -23.97 -13.70
CA GLN C 151 13.27 -22.97 -14.71
C GLN C 151 12.85 -21.57 -14.27
N PRO C 152 13.68 -20.89 -13.48
CA PRO C 152 13.16 -19.63 -12.95
C PRO C 152 13.14 -18.49 -13.98
N GLU C 153 12.14 -17.62 -13.86
CA GLU C 153 12.04 -16.37 -14.62
C GLU C 153 13.34 -15.57 -14.41
N PRO C 154 14.14 -15.37 -15.48
CA PRO C 154 15.41 -14.72 -15.24
C PRO C 154 15.30 -13.28 -14.71
N THR C 155 14.18 -12.60 -14.88
CA THR C 155 14.12 -11.25 -14.32
C THR C 155 13.43 -11.10 -12.98
N PHE C 156 12.96 -12.19 -12.38
CA PHE C 156 12.15 -12.08 -11.16
C PHE C 156 12.60 -12.98 -10.01
N TYR C 157 13.88 -12.95 -9.69
CA TYR C 157 14.42 -13.74 -8.58
C TYR C 157 13.85 -13.39 -7.20
N SER C 158 13.25 -12.21 -7.06
CA SER C 158 12.53 -11.86 -5.82
C SER C 158 11.28 -12.73 -5.69
N ARG C 159 10.64 -13.02 -6.82
CA ARG C 159 9.52 -13.92 -6.80
C ARG C 159 10.03 -15.34 -6.66
N GLU C 160 11.02 -15.70 -7.46
CA GLU C 160 11.34 -17.11 -7.64
C GLU C 160 12.34 -17.61 -6.61
N MET C 161 13.23 -16.76 -6.15
CA MET C 161 14.25 -17.20 -5.22
C MET C 161 13.97 -16.74 -3.81
N VAL C 162 12.91 -15.95 -3.65
CA VAL C 162 12.55 -15.42 -2.34
C VAL C 162 11.07 -15.70 -2.03
N ALA C 163 10.17 -15.21 -2.87
CA ALA C 163 8.74 -15.31 -2.59
C ALA C 163 8.25 -16.76 -2.51
N ILE C 164 8.59 -17.55 -3.51
CA ILE C 164 8.25 -18.97 -3.51
C ILE C 164 8.86 -19.74 -2.32
N PRO C 165 10.20 -19.72 -2.16
CA PRO C 165 10.78 -20.43 -1.02
C PRO C 165 10.10 -20.11 0.29
N SER C 166 9.92 -18.82 0.60
CA SER C 166 9.49 -18.40 1.92
C SER C 166 8.15 -19.05 2.31
N ALA C 167 7.26 -19.21 1.33
CA ALA C 167 5.97 -19.86 1.52
C ALA C 167 6.11 -21.33 1.90
N HIS C 168 7.08 -22.04 1.28
CA HIS C 168 7.36 -23.40 1.70
C HIS C 168 7.78 -23.35 3.17
N LEU C 169 8.71 -22.46 3.51
CA LEU C 169 9.24 -22.39 4.88
C LEU C 169 8.17 -22.00 5.91
N ALA C 170 7.26 -21.12 5.50
CA ALA C 170 6.08 -20.81 6.31
C ALA C 170 5.21 -22.04 6.55
N ALA C 171 5.13 -22.92 5.53
CA ALA C 171 4.30 -24.12 5.54
C ALA C 171 5.05 -25.30 6.16
N GLY C 172 6.22 -25.04 6.73
CA GLY C 172 6.93 -26.06 7.52
C GLY C 172 7.90 -26.93 6.74
N PHE C 173 8.31 -26.46 5.58
CA PHE C 173 9.35 -27.16 4.84
C PHE C 173 10.66 -27.04 5.61
N PRO C 174 11.31 -28.20 5.89
CA PRO C 174 12.46 -28.20 6.78
C PRO C 174 13.55 -27.31 6.22
N LEU C 175 13.97 -26.34 7.03
CA LEU C 175 14.96 -25.33 6.64
C LEU C 175 16.24 -25.92 6.06
N SER C 176 16.70 -27.03 6.65
CA SER C 176 17.98 -27.63 6.31
C SER C 176 17.98 -28.37 4.97
N GLU C 177 16.78 -28.66 4.45
CA GLU C 177 16.62 -29.32 3.14
C GLU C 177 16.47 -28.39 1.90
N VAL C 178 16.61 -27.07 2.06
CA VAL C 178 16.49 -26.15 0.93
C VAL C 178 17.75 -26.09 0.07
N GLY C 179 18.86 -26.48 0.66
CA GLY C 179 20.13 -26.55 -0.05
C GLY C 179 21.23 -26.88 0.92
N ARG C 180 22.47 -26.62 0.50
CA ARG C 180 23.62 -27.01 1.26
C ARG C 180 23.91 -26.00 2.37
N PRO C 181 24.63 -26.43 3.42
CA PRO C 181 25.02 -25.48 4.45
C PRO C 181 26.02 -24.50 3.90
N LEU C 182 25.67 -23.22 3.89
CA LEU C 182 26.67 -22.18 3.63
C LEU C 182 27.45 -21.95 4.92
N GLU C 183 28.72 -21.61 4.79
CA GLU C 183 29.49 -21.11 5.92
C GLU C 183 29.43 -19.61 5.98
N ASP C 184 30.05 -19.06 7.00
CA ASP C 184 30.04 -17.64 7.24
C ASP C 184 30.64 -16.77 6.12
N HIS C 185 31.71 -17.25 5.51
CA HIS C 185 32.44 -16.45 4.49
C HIS C 185 31.69 -16.44 3.16
N GLU C 186 30.81 -17.42 2.99
CA GLU C 186 30.03 -17.52 1.79
C GLU C 186 28.85 -16.56 1.85
N ILE C 187 28.59 -16.01 3.05
CA ILE C 187 27.47 -15.09 3.21
C ILE C 187 27.99 -13.68 3.00
N VAL C 188 27.68 -13.14 1.83
CA VAL C 188 28.11 -11.82 1.42
C VAL C 188 27.68 -10.74 2.41
N ARG C 189 28.63 -9.85 2.72
CA ARG C 189 28.42 -8.69 3.59
C ARG C 189 28.79 -7.37 2.88
N PHE C 190 28.13 -6.29 3.27
CA PHE C 190 28.65 -4.94 3.00
C PHE C 190 29.13 -4.38 4.34
N ASN C 191 30.28 -3.73 4.35
CA ASN C 191 30.78 -3.22 5.63
C ASN C 191 30.10 -1.89 5.98
N ARG C 192 29.69 -1.77 7.25
CA ARG C 192 28.98 -0.59 7.74
C ARG C 192 29.95 0.54 8.01
N PRO C 193 29.89 1.62 7.21
CA PRO C 193 30.73 2.80 7.45
C PRO C 193 30.62 3.24 8.91
N ALA C 194 31.75 3.40 9.58
CA ALA C 194 31.75 3.62 11.02
C ALA C 194 31.87 5.10 11.43
N VAL C 195 31.27 5.43 12.57
CA VAL C 195 31.32 6.75 13.16
C VAL C 195 32.75 7.11 13.53
N GLU C 196 33.39 7.98 12.75
CA GLU C 196 34.73 8.45 13.08
C GLU C 196 34.67 9.57 14.13
N GLN C 197 35.81 10.16 14.47
CA GLN C 197 35.91 11.06 15.62
C GLN C 197 37.01 12.11 15.51
N ASP C 198 36.63 13.38 15.60
CA ASP C 198 37.57 14.50 15.55
C ASP C 198 37.52 15.33 16.85
N GLY C 199 38.48 15.09 17.73
CA GLY C 199 38.48 15.70 19.06
C GLY C 199 37.47 14.96 19.91
N GLU C 200 36.49 15.71 20.43
CA GLU C 200 35.37 15.09 21.12
C GLU C 200 34.10 15.01 20.23
N ALA C 201 34.13 15.71 19.09
CA ALA C 201 33.06 15.63 18.06
C ALA C 201 32.91 14.25 17.41
N LEU C 202 31.68 13.87 17.08
CA LEU C 202 31.41 12.60 16.41
C LEU C 202 30.95 12.80 14.97
N VAL C 203 31.53 12.04 14.03
CA VAL C 203 31.31 12.28 12.60
C VAL C 203 30.67 11.07 11.89
N GLY C 204 29.35 11.15 11.72
CA GLY C 204 28.61 10.15 10.97
C GLY C 204 27.90 10.67 9.73
N VAL C 205 26.74 10.09 9.46
CA VAL C 205 26.00 10.39 8.25
C VAL C 205 24.49 10.44 8.52
N VAL C 206 23.74 11.18 7.72
CA VAL C 206 22.30 11.05 7.73
C VAL C 206 22.06 9.66 7.15
N SER C 207 21.51 8.76 7.95
CA SER C 207 21.36 7.41 7.51
C SER C 207 20.06 7.33 6.79
N ALA C 208 19.14 8.21 7.17
CA ALA C 208 17.81 8.28 6.59
C ALA C 208 17.04 9.58 6.92
N ILE C 209 16.22 9.99 5.95
CA ILE C 209 15.12 10.91 6.21
C ILE C 209 13.84 10.14 6.52
N ASP C 210 13.31 10.38 7.70
CA ASP C 210 12.20 9.60 8.25
C ASP C 210 10.84 10.06 7.69
N HIS C 211 10.40 9.40 6.63
CA HIS C 211 9.15 9.74 5.98
C HIS C 211 7.95 9.15 6.75
N PRO C 212 6.79 9.84 6.69
CA PRO C 212 6.49 11.07 5.92
C PRO C 212 6.79 12.36 6.65
N PHE C 213 7.48 12.27 7.79
CA PHE C 213 7.59 13.40 8.69
C PHE C 213 8.74 14.36 8.41
N GLY C 214 9.76 13.90 7.70
CA GLY C 214 10.93 14.73 7.46
C GLY C 214 11.90 14.75 8.64
N ASN C 215 11.84 13.69 9.46
CA ASN C 215 12.71 13.61 10.62
C ASN C 215 14.10 13.11 10.21
N VAL C 216 15.13 13.82 10.62
CA VAL C 216 16.47 13.42 10.18
C VAL C 216 17.05 12.38 11.15
N TRP C 217 17.28 11.17 10.64
CA TRP C 217 17.91 10.09 11.39
C TRP C 217 19.40 10.03 11.05
N THR C 218 20.26 10.03 12.07
CA THR C 218 21.69 9.79 11.86
C THR C 218 22.12 8.36 12.20
N ASN C 219 23.33 8.02 11.77
CA ASN C 219 23.89 6.72 12.04
C ASN C 219 24.52 6.68 13.43
N ILE C 220 24.43 7.78 14.17
CA ILE C 220 25.04 7.84 15.48
C ILE C 220 24.07 7.21 16.50
N HIS C 221 24.48 6.08 17.06
CA HIS C 221 23.62 5.28 17.94
C HIS C 221 23.74 5.72 19.39
N ARG C 222 22.72 5.41 20.20
CA ARG C 222 22.82 5.55 21.65
C ARG C 222 24.20 5.15 22.19
N THR C 223 24.65 3.92 21.86
CA THR C 223 25.91 3.38 22.43
C THR C 223 27.07 4.34 22.17
N ASP C 224 27.05 4.99 21.01
CA ASP C 224 28.05 5.99 20.68
C ASP C 224 27.99 7.19 21.63
N LEU C 225 26.78 7.68 21.90
CA LEU C 225 26.58 8.84 22.79
C LEU C 225 26.99 8.53 24.23
N GLU C 226 26.49 7.41 24.77
CA GLU C 226 27.04 6.86 26.00
C GLU C 226 28.52 6.62 25.76
N LYS C 227 29.36 7.06 26.68
CA LYS C 227 30.83 6.94 26.53
C LYS C 227 31.43 7.78 25.40
N ALA C 228 30.64 8.76 24.96
CA ALA C 228 31.16 10.05 24.58
C ALA C 228 30.80 10.96 25.78
N GLY C 229 30.03 10.37 26.71
CA GLY C 229 29.56 11.05 27.92
C GLY C 229 28.23 11.76 27.74
N ILE C 230 27.58 11.51 26.60
CA ILE C 230 26.41 12.28 26.18
C ILE C 230 25.12 11.59 26.60
N GLY C 231 24.45 12.21 27.56
CA GLY C 231 23.20 11.69 28.10
C GLY C 231 22.06 12.67 27.87
N TYR C 232 20.88 12.26 28.31
CA TYR C 232 19.67 13.04 28.15
C TYR C 232 19.76 14.39 28.84
N GLY C 233 19.59 15.47 28.08
CA GLY C 233 19.72 16.83 28.61
C GLY C 233 21.02 17.55 28.30
N ALA C 234 21.94 16.86 27.63
CA ALA C 234 23.17 17.50 27.19
C ALA C 234 22.88 18.49 26.05
N ARG C 235 23.47 19.67 26.13
CA ARG C 235 23.34 20.65 25.08
C ARG C 235 24.26 20.29 23.91
N LEU C 236 23.63 20.04 22.76
CA LEU C 236 24.30 19.49 21.61
C LEU C 236 24.34 20.47 20.44
N ARG C 237 25.50 20.60 19.81
CA ARG C 237 25.59 21.27 18.51
C ARG C 237 25.82 20.22 17.42
N LEU C 238 24.86 20.13 16.49
CA LEU C 238 24.83 19.13 15.42
C LEU C 238 24.76 19.83 14.05
N THR C 239 25.62 19.40 13.14
CA THR C 239 25.78 20.09 11.87
C THR C 239 25.56 19.06 10.80
N LEU C 240 24.73 19.40 9.81
CA LEU C 240 24.36 18.46 8.75
C LEU C 240 24.78 19.04 7.43
N ASP C 241 25.38 18.20 6.57
CA ASP C 241 25.89 18.61 5.26
C ASP C 241 27.10 19.54 5.40
N GLY C 242 27.63 19.62 6.62
CA GLY C 242 28.76 20.49 6.93
C GLY C 242 28.44 21.97 6.88
N VAL C 243 27.17 22.31 6.65
CA VAL C 243 26.75 23.69 6.50
C VAL C 243 25.72 24.16 7.53
N LEU C 244 24.70 23.36 7.77
CA LEU C 244 23.54 23.69 8.62
C LEU C 244 23.69 23.23 10.07
N PRO C 245 24.08 24.14 10.97
CA PRO C 245 24.16 23.78 12.39
C PRO C 245 22.79 23.85 13.10
N PHE C 246 22.69 23.15 14.23
CA PHE C 246 21.49 23.15 15.05
C PHE C 246 21.96 22.93 16.46
N GLU C 247 21.43 23.72 17.40
CA GLU C 247 21.81 23.58 18.80
C GLU C 247 20.58 23.17 19.60
N ALA C 248 20.70 22.08 20.36
CA ALA C 248 19.61 21.63 21.22
C ALA C 248 20.07 20.59 22.22
N PRO C 249 19.44 20.58 23.42
CA PRO C 249 19.62 19.52 24.38
C PRO C 249 19.02 18.20 23.90
N LEU C 250 19.63 17.09 24.30
CA LEU C 250 19.11 15.78 23.96
C LEU C 250 17.85 15.53 24.77
N THR C 251 16.74 15.37 24.08
CA THR C 251 15.48 15.06 24.75
C THR C 251 14.93 13.69 24.30
N PRO C 252 14.00 13.10 25.07
CA PRO C 252 13.43 11.82 24.65
C PRO C 252 12.50 11.91 23.43
N THR C 253 11.74 13.01 23.31
CA THR C 253 10.71 13.13 22.27
C THR C 253 10.56 14.54 21.67
N PHE C 254 9.62 14.68 20.72
CA PHE C 254 9.43 15.94 19.97
C PHE C 254 8.80 17.08 20.78
N ALA C 255 7.64 16.81 21.39
CA ALA C 255 6.95 17.80 22.24
C ALA C 255 7.84 18.46 23.31
N ASP C 256 8.92 17.77 23.67
CA ASP C 256 9.91 18.32 24.59
C ASP C 256 10.56 19.63 24.09
N ALA C 257 10.53 19.84 22.77
CA ALA C 257 11.03 21.06 22.12
C ALA C 257 10.34 22.35 22.56
N GLY C 258 9.06 22.25 22.92
CA GLY C 258 8.24 23.41 23.25
C GLY C 258 7.34 23.84 22.10
N GLU C 259 7.44 25.11 21.71
CA GLU C 259 6.66 25.66 20.60
C GLU C 259 6.73 24.72 19.40
N ILE C 260 5.58 24.49 18.77
CA ILE C 260 5.54 23.79 17.49
C ILE C 260 6.56 24.45 16.57
N GLY C 261 7.35 23.62 15.91
CA GLY C 261 8.35 24.06 14.94
C GLY C 261 9.75 24.16 15.49
N ASN C 262 9.90 24.04 16.80
CA ASN C 262 11.21 24.10 17.47
C ASN C 262 12.07 22.85 17.22
N ILE C 263 13.39 22.98 17.40
CA ILE C 263 14.32 21.88 17.16
C ILE C 263 14.38 20.89 18.32
N ALA C 264 14.13 19.63 17.98
CA ALA C 264 14.36 18.53 18.92
C ALA C 264 15.56 17.69 18.48
N ILE C 265 16.51 17.48 19.38
CA ILE C 265 17.51 16.46 19.18
C ILE C 265 17.16 15.27 20.07
N TYR C 266 17.14 14.07 19.51
CA TYR C 266 16.52 12.92 20.18
C TYR C 266 17.05 11.59 19.69
N LEU C 267 16.66 10.50 20.35
CA LEU C 267 16.94 9.14 19.92
C LEU C 267 15.64 8.54 19.43
N ASN C 268 15.65 7.95 18.23
CA ASN C 268 14.44 7.40 17.61
C ASN C 268 14.03 6.00 18.08
N SER C 269 12.90 5.50 17.57
CA SER C 269 12.36 4.17 17.91
C SER C 269 13.30 3.01 17.52
N ARG C 270 14.53 3.34 17.16
CA ARG C 270 15.55 2.40 16.70
C ARG C 270 16.84 2.62 17.51
N GLY C 271 16.83 3.69 18.31
CA GLY C 271 17.96 4.08 19.17
C GLY C 271 19.11 4.86 18.54
N TYR C 272 18.82 5.59 17.46
CA TYR C 272 19.84 6.38 16.76
C TYR C 272 19.61 7.89 16.93
N LEU C 273 20.69 8.65 17.07
CA LEU C 273 20.63 10.09 17.16
C LEU C 273 19.89 10.73 16.00
N SER C 274 18.97 11.64 16.33
CA SER C 274 18.06 12.21 15.35
C SER C 274 17.67 13.66 15.69
N ILE C 275 17.20 14.37 14.67
CA ILE C 275 16.81 15.75 14.83
C ILE C 275 15.57 16.01 13.98
N ALA C 276 14.73 16.90 14.48
CA ALA C 276 13.44 17.15 13.86
C ALA C 276 12.99 18.53 14.27
N ARG C 277 11.91 18.97 13.67
CA ARG C 277 11.15 20.05 14.28
C ARG C 277 10.02 19.39 15.05
N ASN C 278 9.57 20.04 16.11
CA ASN C 278 8.39 19.56 16.82
C ASN C 278 7.09 19.75 16.03
N ALA C 279 6.45 18.63 15.70
CA ALA C 279 5.21 18.64 14.92
C ALA C 279 5.27 19.58 13.69
N ALA C 280 6.47 19.67 13.12
CA ALA C 280 6.67 20.26 11.80
C ALA C 280 7.80 19.49 11.11
N SER C 281 7.87 19.64 9.80
CA SER C 281 8.86 18.90 9.03
C SER C 281 10.18 19.65 8.87
N LEU C 282 11.27 18.95 9.19
CA LEU C 282 12.63 19.50 9.11
C LEU C 282 13.30 19.36 7.75
N ALA C 283 13.27 18.16 7.19
CA ALA C 283 14.03 17.87 6.00
C ALA C 283 13.46 18.47 4.71
N TYR C 284 12.14 18.58 4.61
CA TYR C 284 11.59 19.03 3.33
C TYR C 284 11.79 20.52 3.03
N PRO C 285 11.56 21.42 4.01
CA PRO C 285 11.82 22.83 3.65
C PRO C 285 13.29 23.05 3.29
N TYR C 286 14.17 22.35 4.00
CA TYR C 286 15.61 22.45 3.80
C TYR C 286 16.17 21.46 2.80
N HIS C 287 15.30 20.64 2.22
CA HIS C 287 15.77 19.63 1.28
C HIS C 287 17.01 18.93 1.82
N LEU C 288 16.90 18.36 3.02
CA LEU C 288 18.00 17.56 3.54
C LEU C 288 17.82 16.13 3.09
N LYS C 289 18.87 15.52 2.54
CA LYS C 289 18.73 14.18 1.98
C LYS C 289 19.58 13.12 2.70
N GLU C 290 19.28 11.85 2.46
CA GLU C 290 20.03 10.74 3.04
C GLU C 290 21.48 10.85 2.59
N GLY C 291 22.41 10.69 3.52
CA GLY C 291 23.80 10.55 3.13
C GLY C 291 24.67 11.77 3.38
N MET C 292 24.06 12.88 3.74
CA MET C 292 24.82 14.05 4.16
C MET C 292 25.59 13.77 5.46
N SER C 293 26.77 14.36 5.59
CA SER C 293 27.56 14.25 6.82
C SER C 293 26.75 14.66 8.04
N ALA C 294 27.02 14.03 9.18
CA ALA C 294 26.32 14.34 10.42
C ALA C 294 27.33 14.46 11.52
N ARG C 295 27.46 15.65 12.08
CA ARG C 295 28.49 15.95 13.07
C ARG C 295 27.84 16.42 14.37
N VAL C 296 28.32 15.97 15.52
CA VAL C 296 27.70 16.35 16.80
C VAL C 296 28.66 16.64 17.96
N GLU C 297 28.77 17.92 18.31
CA GLU C 297 29.55 18.31 19.48
C GLU C 297 28.67 18.77 20.65
N ALA C 298 29.23 18.69 21.85
CA ALA C 298 28.55 19.07 23.08
C ALA C 298 29.23 20.27 23.76
#